data_8D2O
#
_entry.id   8D2O
#
_cell.length_a   1.00
_cell.length_b   1.00
_cell.length_c   1.00
_cell.angle_alpha   90.00
_cell.angle_beta   90.00
_cell.angle_gamma   90.00
#
_symmetry.space_group_name_H-M   'P 1'
#
loop_
_entity.id
_entity.type
_entity.pdbx_description
1 polymer 'CRISPR-associated endonuclease, Csn1 family'
2 polymer 'Single guide RNA (106-MER)'
3 polymer "DNA target strand (5'-D(*AP*GP*CP*TP*TP*GP*GP*TP*GP*TP*AP*TP*A)-3')"
4 polymer "DNA target strand (5'-D(P*CP*CP*AP*GP*GP*AP*TP*CP*TP*TP*G)-3')"
5 polymer "DNA non-target strand (5'-D(P*AP*TP*AP*CP*AP*CP*CP*AP*AP*GP*CP*T)-3')"
6 non-polymer 'MAGNESIUM ION'
7 water water
#
loop_
_entity_poly.entity_id
_entity_poly.type
_entity_poly.pdbx_seq_one_letter_code
_entity_poly.pdbx_strand_id
1 'polypeptide(L)'
;MGGSEVGTVPVTWRLGVDVGERSIGLAAVSYEEDKPKEILAAVSWIHDGGVGDERSGASRLALRGMARRARRLRRFRRAR
LRDLDMLLSELGWTPLPDKNVSPVDAWLARKRLAEEYVVDETERRRLLGYAVSHMARHRGWRNPWTTIKDLKNLPQPSDS
WERTRESLEARYSVSLEPGTVGQWAGYLLQRAPGIRLNPTQQSAGRRAELSNATAFETRLRQEDVLWELRCIADVQGLPE
DVVSNVIDAVFCQKRPSVPAERIGRDPLDPSQLRASRACLEFQEYRIVAAVANLRIRDGSGSRPLSLEERNAVIEALLAQ
TERSLTWSDIALEILKLPNESDLTSVPEEDGPSSLAYSQFAPFDETSARIAEFIAKNRRKIPTFAQWWQEQDRTSRSDLV
AALADNSIAGEEEQELLVHLPDAELEALEGLALPSGRVAYSRLTLSGLTRVMRDDGVDVHNARKTCFGVDDNWRPPLPAL
HEATGHPVVDRNLAILRKFLSSATMRWGPPQSIVVELARGASESRERQAEEEAARRAHRKANDRIRAELRASGLSDPSPA
DLVRARLLELYDCHCMYCGAPISWENSELDHIVPRTDGGSNRHENLAITCGACNKEKGRRPFASWAETSNRVQLRDVIDR
VQKLKYSGNMYWTRDEFSRYKKSVVARLKRRTSDPEVIQSIESTGYAAVALRDRLLSYGEKNGVAQVAVFRGGVTAEARR
WLDISIERLFSRVAIFAQSTSTKRLDRRHHAVDAVVLTTLTPGVAKTLADARSRRVSAEFWRRPSDVNRHSTEEPQSPAY
RQWKESCSGLGDLLISTAARDSIAVAAPLRLRPTGALHEETLRAFSEHTVGAAWKGAELRRIVEPEVYAAFLALTDPGGR
FLKVSPSEDVLPADENRHIVLSDRVLGPRDRVKLFPDDRGSIRVRGGAAYIASFHHARVFRWGSSHSPSFALLRVSLADL
AVAGLLRDGVDVFTAELPPWTPAWRYASIALVKAVESGDAKQVGWLVPGDELDFGPEGVTTAAGDLSMFLKYFPERHWVV
TGFEDDKRINLKPAFLSAEQAEVLRTERSDRPDTLTEAGEILAQFFPRCWRATVAKVLCHPGLTVIRRTALGQPRWRRGH
LPYSWRPWSADPWSGGTP
;
A
2 'polyribonucleotide'
;GGUAGGAUGGCAAGAUCCUGGUAUGCUGGGGAGCCUGAAAAGGCUACCUAGCAAGACCCCUUCGUGGGGUCGCAUUCUUC
ACCCCCUCGCAGCAGCGAGGGGUUCC
;
B
3 'polydeoxyribonucleotide' (DA)(DG)(DC)(DT)(DT)(DG)(DG)(DT)(DG)(DT)(DA)(DT)(DA) X
4 'polydeoxyribonucleotide' (DC)(DC)(DA)(DG)(DG)(DA)(DT)(DC)(DT)(DT)(DG) T
5 'polydeoxyribonucleotide' (DA)(DT)(DA)(DC)(DA)(DC)(DC)(DA)(DA)(DG)(DC)(DT) D
#
# COMPACT_ATOMS: atom_id res chain seq x y z
N GLY A 7 26.08 -21.07 21.32
CA GLY A 7 26.89 -19.97 20.81
C GLY A 7 26.52 -18.63 21.43
N THR A 8 25.98 -18.68 22.64
CA THR A 8 25.57 -17.48 23.37
C THR A 8 26.61 -17.18 24.44
N VAL A 9 27.21 -16.00 24.37
CA VAL A 9 28.11 -15.49 25.40
C VAL A 9 27.37 -14.40 26.19
N PRO A 10 27.10 -14.62 27.48
CA PRO A 10 26.31 -13.64 28.23
C PRO A 10 27.16 -12.42 28.59
N VAL A 11 26.67 -11.24 28.23
CA VAL A 11 27.28 -9.98 28.64
C VAL A 11 26.23 -9.19 29.42
N THR A 12 26.67 -8.08 30.00
CA THR A 12 25.77 -7.15 30.66
C THR A 12 25.47 -6.04 29.66
N TRP A 13 24.21 -5.93 29.23
CA TRP A 13 23.85 -4.96 28.21
C TRP A 13 22.42 -4.50 28.40
N ARG A 14 22.14 -3.27 27.99
CA ARG A 14 20.79 -2.76 28.12
C ARG A 14 20.24 -2.40 26.74
N LEU A 15 18.91 -2.38 26.67
CA LEU A 15 18.13 -2.25 25.44
C LEU A 15 17.46 -0.89 25.36
N GLY A 16 17.64 -0.20 24.23
CA GLY A 16 17.00 1.08 23.98
C GLY A 16 16.11 1.08 22.76
N VAL A 17 14.84 1.49 22.93
CA VAL A 17 13.81 1.43 21.89
C VAL A 17 13.14 2.79 21.75
N ASP A 18 13.38 3.48 20.64
CA ASP A 18 12.59 4.66 20.32
C ASP A 18 11.57 4.29 19.26
N VAL A 19 10.31 4.58 19.53
CA VAL A 19 9.20 4.19 18.67
C VAL A 19 8.65 5.44 18.00
N GLY A 20 8.67 5.46 16.67
CA GLY A 20 8.17 6.58 15.90
C GLY A 20 6.99 6.18 15.04
N GLU A 21 6.50 7.17 14.28
CA GLU A 21 5.34 6.94 13.43
C GLU A 21 5.71 6.07 12.22
N ARG A 22 6.82 6.38 11.56
CA ARG A 22 7.30 5.61 10.41
C ARG A 22 8.63 4.92 10.67
N SER A 23 9.09 4.84 11.91
CA SER A 23 10.43 4.31 12.17
C SER A 23 10.51 3.79 13.60
N ILE A 24 11.56 3.04 13.86
CA ILE A 24 11.89 2.55 15.19
C ILE A 24 13.41 2.38 15.28
N GLY A 25 14.00 2.91 16.33
CA GLY A 25 15.44 2.80 16.56
C GLY A 25 15.68 1.86 17.73
N LEU A 26 16.69 1.00 17.56
CA LEU A 26 16.98 -0.06 18.52
C LEU A 26 18.47 -0.13 18.81
N ALA A 27 18.82 -0.23 20.09
CA ALA A 27 20.21 -0.33 20.52
C ALA A 27 20.40 -1.42 21.55
N ALA A 28 21.48 -2.18 21.40
CA ALA A 28 22.00 -3.09 22.40
C ALA A 28 23.34 -2.54 22.84
N VAL A 29 23.45 -2.05 24.07
CA VAL A 29 24.68 -1.43 24.53
C VAL A 29 25.24 -2.22 25.71
N SER A 30 26.38 -2.88 25.48
CA SER A 30 27.07 -3.60 26.54
C SER A 30 27.70 -2.62 27.52
N TYR A 31 27.62 -2.98 28.80
CA TYR A 31 28.08 -2.16 29.91
C TYR A 31 29.14 -2.91 30.72
N GLU A 32 30.03 -2.15 31.35
CA GLU A 32 31.12 -2.72 32.15
C GLU A 32 30.99 -2.38 33.63
N GLU A 33 30.93 -1.10 33.98
CA GLU A 33 30.88 -0.66 35.38
C GLU A 33 29.84 0.45 35.54
N ASP A 34 28.62 0.17 35.05
CA ASP A 34 27.48 1.11 34.98
C ASP A 34 27.83 2.32 34.11
N LYS A 35 28.72 2.14 33.15
CA LYS A 35 29.07 3.12 32.15
C LYS A 35 29.11 2.40 30.81
N PRO A 36 28.79 3.10 29.71
CA PRO A 36 28.74 2.43 28.39
C PRO A 36 30.10 1.92 27.96
N LYS A 37 30.11 0.67 27.50
CA LYS A 37 31.34 -0.03 27.14
C LYS A 37 31.43 -0.37 25.66
N GLU A 38 30.33 -0.85 25.06
CA GLU A 38 30.41 -1.24 23.65
C GLU A 38 29.02 -1.20 23.02
N ILE A 39 28.88 -0.47 21.91
CA ILE A 39 27.64 -0.50 21.15
C ILE A 39 27.64 -1.80 20.36
N LEU A 40 26.88 -2.80 20.82
CA LEU A 40 26.86 -4.10 20.18
C LEU A 40 26.14 -4.05 18.83
N ALA A 41 24.98 -3.42 18.79
CA ALA A 41 24.23 -3.29 17.55
C ALA A 41 23.36 -2.04 17.61
N ALA A 42 23.41 -1.23 16.55
CA ALA A 42 22.56 -0.04 16.44
C ALA A 42 21.97 0.01 15.03
N VAL A 43 20.66 -0.15 14.95
CA VAL A 43 19.96 -0.18 13.68
C VAL A 43 18.65 0.60 13.82
N SER A 44 18.35 1.40 12.80
CA SER A 44 17.07 2.06 12.64
C SER A 44 16.30 1.34 11.55
N TRP A 45 15.07 0.94 11.87
CA TRP A 45 14.22 0.23 10.92
C TRP A 45 13.11 1.17 10.47
N ILE A 46 12.99 1.35 9.17
CA ILE A 46 12.00 2.24 8.57
C ILE A 46 10.83 1.38 8.12
N HIS A 47 9.66 1.61 8.69
CA HIS A 47 8.47 0.87 8.32
C HIS A 47 7.39 1.84 7.82
N ASP A 48 6.35 1.27 7.22
CA ASP A 48 5.25 2.08 6.72
C ASP A 48 4.13 2.24 7.74
N GLY A 49 4.24 1.60 8.90
CA GLY A 49 3.18 1.64 9.89
C GLY A 49 1.90 0.99 9.43
N GLY A 50 2.00 -0.05 8.61
CA GLY A 50 0.84 -0.74 8.10
C GLY A 50 0.12 -0.05 6.97
N VAL A 51 0.63 1.08 6.49
CA VAL A 51 -0.06 1.89 5.49
C VAL A 51 0.18 1.29 4.11
N GLY A 52 -0.89 0.94 3.41
CA GLY A 52 -0.79 0.44 2.05
C GLY A 52 -1.37 1.41 1.03
N ASP A 53 -1.99 2.48 1.52
CA ASP A 53 -2.52 3.54 0.68
C ASP A 53 -1.95 4.86 1.19
N GLU A 54 -0.94 5.39 0.50
CA GLU A 54 -0.29 6.62 0.94
C GLU A 54 -1.17 7.84 0.68
N ARG A 55 -2.14 7.74 -0.22
CA ARG A 55 -3.01 8.87 -0.54
C ARG A 55 -3.95 9.18 0.62
N SER A 56 -4.82 8.24 0.96
CA SER A 56 -5.81 8.44 2.01
C SER A 56 -5.28 8.12 3.40
N GLY A 57 -4.09 7.52 3.51
CA GLY A 57 -3.56 7.11 4.79
C GLY A 57 -4.19 5.85 5.35
N ALA A 58 -5.01 5.16 4.56
CA ALA A 58 -5.67 3.94 5.03
C ALA A 58 -4.66 2.80 5.09
N SER A 59 -4.81 1.96 6.10
CA SER A 59 -3.86 0.86 6.27
C SER A 59 -4.20 -0.30 5.34
N ARG A 60 -3.27 -1.26 5.30
CA ARG A 60 -3.46 -2.47 4.52
C ARG A 60 -4.62 -3.29 5.05
N LEU A 61 -4.75 -3.38 6.39
CA LEU A 61 -5.82 -4.12 7.01
C LEU A 61 -7.18 -3.48 6.72
N ALA A 62 -7.24 -2.15 6.74
CA ALA A 62 -8.47 -1.43 6.43
C ALA A 62 -8.88 -1.61 4.97
N LEU A 63 -7.91 -1.55 4.05
CA LEU A 63 -8.22 -1.78 2.63
C LEU A 63 -8.69 -3.20 2.39
N ARG A 64 -8.06 -4.18 3.05
CA ARG A 64 -8.48 -5.57 2.92
C ARG A 64 -9.88 -5.78 3.49
N GLY A 65 -10.19 -5.14 4.62
CA GLY A 65 -11.53 -5.25 5.19
C GLY A 65 -12.59 -4.63 4.31
N MET A 66 -12.28 -3.47 3.70
CA MET A 66 -13.21 -2.84 2.78
C MET A 66 -13.46 -3.70 1.54
N ALA A 67 -12.39 -4.31 1.01
CA ALA A 67 -12.54 -5.21 -0.15
C ALA A 67 -13.35 -6.45 0.22
N ARG A 68 -13.09 -7.04 1.38
CA ARG A 68 -13.80 -8.23 1.82
C ARG A 68 -15.28 -7.94 2.04
N ARG A 69 -15.60 -6.79 2.62
CA ARG A 69 -16.99 -6.44 2.83
C ARG A 69 -17.69 -6.07 1.54
N ALA A 70 -16.96 -5.53 0.55
CA ALA A 70 -17.54 -5.34 -0.78
C ALA A 70 -17.88 -6.68 -1.44
N ARG A 71 -17.00 -7.67 -1.29
CA ARG A 71 -17.29 -9.02 -1.81
C ARG A 71 -18.49 -9.63 -1.11
N ARG A 72 -18.59 -9.46 0.21
CA ARG A 72 -19.73 -9.99 0.96
C ARG A 72 -21.02 -9.29 0.58
N LEU A 73 -20.95 -7.97 0.33
CA LEU A 73 -22.11 -7.21 -0.14
C LEU A 73 -22.60 -7.72 -1.48
N ARG A 74 -21.67 -8.00 -2.41
CA ARG A 74 -22.05 -8.53 -3.71
C ARG A 74 -22.67 -9.92 -3.59
N ARG A 75 -22.12 -10.75 -2.70
CA ARG A 75 -22.66 -12.09 -2.47
C ARG A 75 -24.07 -12.04 -1.90
N PHE A 76 -24.30 -11.18 -0.90
CA PHE A 76 -25.64 -11.09 -0.30
C PHE A 76 -26.63 -10.43 -1.25
N ARG A 77 -26.17 -9.48 -2.06
CA ARG A 77 -27.06 -8.87 -3.06
C ARG A 77 -27.47 -9.89 -4.10
N ARG A 78 -26.54 -10.75 -4.55
CA ARG A 78 -26.87 -11.80 -5.50
C ARG A 78 -27.86 -12.79 -4.91
N ALA A 79 -27.66 -13.19 -3.64
CA ALA A 79 -28.58 -14.12 -2.99
C ALA A 79 -29.96 -13.51 -2.80
N ARG A 80 -30.02 -12.22 -2.41
CA ARG A 80 -31.30 -11.54 -2.18
C ARG A 80 -32.06 -11.36 -3.49
N LEU A 81 -31.35 -11.01 -4.58
CA LEU A 81 -32.01 -10.86 -5.87
C LEU A 81 -32.47 -12.21 -6.42
N ARG A 82 -31.72 -13.28 -6.16
CA ARG A 82 -32.17 -14.61 -6.56
C ARG A 82 -33.43 -15.04 -5.79
N ASP A 83 -33.48 -14.73 -4.49
CA ASP A 83 -34.68 -15.04 -3.70
C ASP A 83 -35.88 -14.22 -4.15
N LEU A 84 -35.65 -12.96 -4.52
CA LEU A 84 -36.71 -12.13 -5.10
C LEU A 84 -37.19 -12.72 -6.42
N ASP A 85 -36.27 -13.20 -7.25
CA ASP A 85 -36.64 -13.79 -8.53
C ASP A 85 -37.48 -15.05 -8.35
N MET A 86 -37.15 -15.86 -7.34
CA MET A 86 -37.99 -17.02 -7.04
C MET A 86 -39.35 -16.61 -6.50
N LEU A 87 -39.42 -15.54 -5.70
CA LEU A 87 -40.72 -15.04 -5.26
C LEU A 87 -41.56 -14.50 -6.41
N LEU A 88 -40.93 -13.80 -7.35
CA LEU A 88 -41.62 -13.27 -8.52
C LEU A 88 -42.08 -14.38 -9.45
N SER A 89 -41.31 -15.46 -9.53
CA SER A 89 -41.74 -16.62 -10.31
C SER A 89 -42.91 -17.33 -9.62
N GLU A 90 -42.90 -17.38 -8.29
CA GLU A 90 -44.01 -17.95 -7.54
C GLU A 90 -45.29 -17.14 -7.72
N LEU A 91 -45.18 -15.81 -7.72
CA LEU A 91 -46.30 -14.93 -8.00
C LEU A 91 -46.65 -14.85 -9.48
N GLY A 92 -45.79 -15.36 -10.36
CA GLY A 92 -46.00 -15.26 -11.78
C GLY A 92 -45.65 -13.93 -12.39
N TRP A 93 -45.03 -13.03 -11.61
CA TRP A 93 -44.61 -11.74 -12.11
C TRP A 93 -43.26 -11.87 -12.83
N THR A 94 -43.20 -11.40 -14.05
CA THR A 94 -41.98 -11.56 -14.85
C THR A 94 -40.96 -10.51 -14.48
N PRO A 95 -39.73 -10.88 -14.13
CA PRO A 95 -38.71 -9.88 -13.80
C PRO A 95 -38.23 -9.16 -15.05
N LEU A 96 -37.47 -8.10 -14.82
CA LEU A 96 -36.93 -7.30 -15.92
C LEU A 96 -35.86 -8.08 -16.66
N PRO A 97 -35.95 -8.19 -17.98
CA PRO A 97 -34.96 -8.96 -18.74
C PRO A 97 -33.61 -8.26 -18.79
N ASP A 98 -32.58 -9.07 -19.10
CA ASP A 98 -31.21 -8.56 -19.12
C ASP A 98 -30.97 -7.62 -20.28
N LYS A 99 -31.55 -7.91 -21.44
CA LYS A 99 -31.34 -7.10 -22.63
C LYS A 99 -32.65 -6.97 -23.40
N ASN A 100 -32.58 -6.24 -24.52
CA ASN A 100 -33.68 -6.09 -25.50
C ASN A 100 -34.93 -5.49 -24.88
N VAL A 101 -34.73 -4.53 -23.97
CA VAL A 101 -35.83 -3.76 -23.40
C VAL A 101 -35.47 -2.28 -23.46
N SER A 102 -36.49 -1.45 -23.39
CA SER A 102 -36.28 -0.01 -23.33
C SER A 102 -35.61 0.37 -22.02
N PRO A 103 -34.78 1.42 -22.03
CA PRO A 103 -34.14 1.88 -20.78
C PRO A 103 -35.11 2.37 -19.72
N VAL A 104 -36.34 2.73 -20.08
CA VAL A 104 -37.30 3.30 -19.16
C VAL A 104 -38.50 2.39 -18.95
N ASP A 105 -38.39 1.09 -19.28
CA ASP A 105 -39.48 0.16 -19.03
C ASP A 105 -39.75 0.00 -17.54
N ALA A 106 -38.70 -0.09 -16.73
CA ALA A 106 -38.86 -0.21 -15.29
C ALA A 106 -39.44 1.06 -14.68
N TRP A 107 -38.93 2.23 -15.09
CA TRP A 107 -39.41 3.49 -14.56
C TRP A 107 -40.84 3.77 -15.00
N LEU A 108 -41.17 3.43 -16.25
CA LEU A 108 -42.53 3.61 -16.75
C LEU A 108 -43.49 2.62 -16.10
N ALA A 109 -43.01 1.41 -15.77
CA ALA A 109 -43.82 0.46 -15.02
C ALA A 109 -44.14 0.99 -13.63
N ARG A 110 -43.13 1.54 -12.95
CA ARG A 110 -43.32 2.10 -11.61
C ARG A 110 -44.27 3.29 -11.65
N LYS A 111 -44.10 4.17 -12.65
CA LYS A 111 -44.96 5.33 -12.81
C LYS A 111 -46.40 4.94 -13.12
N ARG A 112 -46.59 3.94 -14.00
CA ARG A 112 -47.94 3.57 -14.42
C ARG A 112 -48.67 2.82 -13.31
N LEU A 113 -47.97 1.98 -12.55
CA LEU A 113 -48.63 1.29 -11.44
C LEU A 113 -48.88 2.22 -10.27
N ALA A 114 -48.06 3.27 -10.10
CA ALA A 114 -48.34 4.22 -9.05
C ALA A 114 -49.36 5.27 -9.46
N GLU A 115 -49.63 5.41 -10.76
CA GLU A 115 -50.61 6.39 -11.24
C GLU A 115 -51.99 5.77 -11.43
N GLU A 116 -52.09 4.75 -12.29
CA GLU A 116 -53.38 4.22 -12.67
C GLU A 116 -53.45 2.73 -12.34
N TYR A 117 -54.67 2.22 -12.30
CA TYR A 117 -54.90 0.78 -12.17
C TYR A 117 -54.89 0.13 -13.54
N VAL A 118 -54.21 -1.01 -13.63
CA VAL A 118 -54.04 -1.71 -14.90
C VAL A 118 -55.04 -2.86 -14.93
N VAL A 119 -55.98 -2.79 -15.87
CA VAL A 119 -57.04 -3.79 -15.92
C VAL A 119 -56.61 -5.07 -16.61
N ASP A 120 -55.54 -5.03 -17.41
CA ASP A 120 -55.05 -6.23 -18.06
C ASP A 120 -54.25 -7.08 -17.09
N GLU A 121 -54.44 -8.40 -17.21
CA GLU A 121 -53.93 -9.35 -16.24
C GLU A 121 -52.44 -9.61 -16.47
N THR A 122 -52.08 -10.02 -17.69
CA THR A 122 -50.68 -10.29 -18.00
C THR A 122 -49.86 -9.01 -18.02
N GLU A 123 -50.44 -7.91 -18.50
CA GLU A 123 -49.75 -6.62 -18.52
C GLU A 123 -49.51 -6.09 -17.11
N ARG A 124 -50.50 -6.22 -16.23
CA ARG A 124 -50.32 -5.80 -14.83
C ARG A 124 -49.26 -6.63 -14.14
N ARG A 125 -49.24 -7.96 -14.37
CA ARG A 125 -48.25 -8.81 -13.73
C ARG A 125 -46.84 -8.53 -14.26
N ARG A 126 -46.72 -8.28 -15.58
CA ARG A 126 -45.44 -7.92 -16.17
C ARG A 126 -44.91 -6.60 -15.59
N LEU A 127 -45.79 -5.60 -15.48
CA LEU A 127 -45.36 -4.31 -14.94
C LEU A 127 -45.01 -4.41 -13.47
N LEU A 128 -45.75 -5.22 -12.70
CA LEU A 128 -45.45 -5.42 -11.29
C LEU A 128 -44.12 -6.12 -11.09
N GLY A 129 -43.83 -7.13 -11.93
CA GLY A 129 -42.54 -7.79 -11.84
C GLY A 129 -41.39 -6.89 -12.20
N TYR A 130 -41.56 -6.08 -13.25
CA TYR A 130 -40.53 -5.10 -13.64
C TYR A 130 -40.28 -4.10 -12.51
N ALA A 131 -41.37 -3.59 -11.92
CA ALA A 131 -41.27 -2.59 -10.86
C ALA A 131 -40.60 -3.16 -9.62
N VAL A 132 -40.99 -4.37 -9.21
CA VAL A 132 -40.46 -4.95 -7.97
C VAL A 132 -38.99 -5.34 -8.14
N SER A 133 -38.63 -5.92 -9.31
CA SER A 133 -37.23 -6.25 -9.56
C SER A 133 -36.35 -5.00 -9.60
N HIS A 134 -36.84 -3.93 -10.23
CA HIS A 134 -36.06 -2.70 -10.28
C HIS A 134 -35.97 -2.02 -8.92
N MET A 135 -37.03 -2.12 -8.11
CA MET A 135 -36.99 -1.59 -6.75
C MET A 135 -36.00 -2.35 -5.89
N ALA A 136 -35.85 -3.66 -6.12
CA ALA A 136 -34.85 -4.40 -5.37
C ALA A 136 -33.43 -4.07 -5.83
N ARG A 137 -33.25 -3.80 -7.13
CA ARG A 137 -31.93 -3.38 -7.59
C ARG A 137 -31.58 -1.97 -7.11
N HIS A 138 -32.58 -1.10 -6.91
CA HIS A 138 -32.33 0.28 -6.47
C HIS A 138 -33.35 0.60 -5.36
N ARG A 139 -32.98 0.30 -4.12
CA ARG A 139 -33.90 0.43 -2.99
C ARG A 139 -33.57 1.58 -2.05
N GLY A 140 -32.44 2.26 -2.22
CA GLY A 140 -32.06 3.33 -1.32
C GLY A 140 -31.48 2.81 -0.03
N TRP A 141 -31.05 3.74 0.82
CA TRP A 141 -30.35 3.40 2.06
C TRP A 141 -31.27 3.50 3.26
N ARG A 142 -31.16 2.51 4.15
CA ARG A 142 -31.76 2.57 5.47
C ARG A 142 -30.71 2.22 6.51
N ASN A 143 -31.00 2.56 7.77
CA ASN A 143 -30.15 2.17 8.89
C ASN A 143 -30.06 0.66 8.98
N PRO A 144 -28.86 0.08 9.02
CA PRO A 144 -28.74 -1.39 9.02
C PRO A 144 -29.27 -2.06 10.28
N TRP A 145 -29.36 -1.33 11.39
CA TRP A 145 -29.93 -1.83 12.63
C TRP A 145 -31.44 -1.65 12.69
N THR A 146 -32.02 -0.92 11.74
CA THR A 146 -33.47 -0.74 11.64
C THR A 146 -34.09 -1.96 10.99
N THR A 147 -35.07 -2.55 11.68
CA THR A 147 -35.80 -3.72 11.22
C THR A 147 -36.77 -3.28 10.11
N ILE A 148 -37.25 -4.24 9.31
CA ILE A 148 -38.29 -3.97 8.31
C ILE A 148 -39.55 -3.40 8.96
N LYS A 149 -39.92 -3.92 10.14
CA LYS A 149 -41.04 -3.36 10.90
C LYS A 149 -40.79 -1.91 11.31
N ASP A 150 -39.55 -1.60 11.70
CA ASP A 150 -39.22 -0.22 12.05
C ASP A 150 -39.12 0.66 10.81
N LEU A 151 -38.82 0.08 9.66
CA LEU A 151 -38.84 0.86 8.43
C LEU A 151 -40.28 1.17 8.05
N LYS A 152 -41.18 0.23 8.33
CA LYS A 152 -42.61 0.43 8.08
C LYS A 152 -43.20 1.45 9.03
N ASN A 153 -42.59 1.65 10.19
CA ASN A 153 -43.11 2.62 11.15
C ASN A 153 -42.57 4.03 10.91
N LEU A 154 -41.70 4.21 9.91
CA LEU A 154 -41.16 5.51 9.58
C LEU A 154 -42.20 6.39 8.90
N PRO A 155 -42.05 7.72 8.97
CA PRO A 155 -42.93 8.61 8.20
C PRO A 155 -42.72 8.45 6.70
N GLN A 156 -43.77 8.05 5.99
CA GLN A 156 -43.72 7.80 4.56
C GLN A 156 -44.55 8.84 3.83
N PRO A 157 -43.98 9.65 2.93
CA PRO A 157 -42.57 9.71 2.49
C PRO A 157 -41.64 10.41 3.46
N SER A 158 -40.33 10.24 3.29
CA SER A 158 -39.35 10.92 4.13
C SER A 158 -39.32 12.41 3.82
N ASP A 159 -38.85 13.18 4.79
CA ASP A 159 -38.88 14.64 4.66
C ASP A 159 -37.86 15.14 3.63
N SER A 160 -36.74 14.43 3.48
CA SER A 160 -35.78 14.77 2.44
C SER A 160 -36.38 14.58 1.05
N TRP A 161 -37.15 13.50 0.86
CA TRP A 161 -37.81 13.32 -0.42
C TRP A 161 -38.99 14.28 -0.60
N GLU A 162 -39.63 14.72 0.49
CA GLU A 162 -40.64 15.76 0.36
C GLU A 162 -40.03 17.08 -0.09
N ARG A 163 -38.85 17.42 0.46
CA ARG A 163 -38.13 18.61 0.00
C ARG A 163 -37.69 18.47 -1.47
N THR A 164 -37.23 17.27 -1.84
CA THR A 164 -36.84 17.02 -3.22
C THR A 164 -38.02 17.11 -4.17
N ARG A 165 -39.18 16.58 -3.74
CA ARG A 165 -40.40 16.63 -4.55
C ARG A 165 -40.90 18.06 -4.70
N GLU A 166 -40.82 18.86 -3.64
CA GLU A 166 -41.18 20.27 -3.74
C GLU A 166 -40.23 21.03 -4.67
N SER A 167 -38.94 20.68 -4.63
CA SER A 167 -37.98 21.29 -5.55
C SER A 167 -38.28 20.90 -6.99
N LEU A 168 -38.67 19.65 -7.23
CA LEU A 168 -39.01 19.21 -8.59
C LEU A 168 -40.29 19.87 -9.08
N GLU A 169 -41.27 20.03 -8.19
CA GLU A 169 -42.51 20.70 -8.57
C GLU A 169 -42.28 22.18 -8.86
N ALA A 170 -41.33 22.80 -8.14
CA ALA A 170 -40.97 24.18 -8.43
C ALA A 170 -40.22 24.29 -9.75
N ARG A 171 -39.32 23.34 -10.03
CA ARG A 171 -38.47 23.43 -11.21
C ARG A 171 -39.27 23.16 -12.48
N TYR A 172 -40.11 22.12 -12.48
CA TYR A 172 -40.82 21.72 -13.69
C TYR A 172 -42.28 22.14 -13.73
N SER A 173 -42.77 22.86 -12.71
CA SER A 173 -44.10 23.49 -12.67
C SER A 173 -45.23 22.47 -12.86
N VAL A 174 -45.03 21.24 -12.39
CA VAL A 174 -46.01 20.17 -12.53
C VAL A 174 -46.06 19.41 -11.20
N SER A 175 -47.22 18.82 -10.91
CA SER A 175 -47.41 18.04 -9.69
C SER A 175 -47.94 16.67 -10.07
N LEU A 176 -47.31 15.63 -9.51
CA LEU A 176 -47.72 14.24 -9.74
C LEU A 176 -48.27 13.67 -8.44
N GLU A 177 -49.41 13.01 -8.51
CA GLU A 177 -50.08 12.47 -7.33
C GLU A 177 -50.17 10.95 -7.44
N PRO A 178 -49.53 10.19 -6.54
CA PRO A 178 -48.60 10.65 -5.50
C PRO A 178 -47.18 10.80 -6.06
N GLY A 179 -46.43 11.82 -5.64
CA GLY A 179 -45.14 12.06 -6.23
C GLY A 179 -44.05 11.13 -5.74
N THR A 180 -44.11 9.87 -6.18
CA THR A 180 -43.07 8.91 -5.80
C THR A 180 -41.84 9.11 -6.68
N VAL A 181 -40.74 8.50 -6.26
CA VAL A 181 -39.49 8.59 -7.00
C VAL A 181 -39.61 7.85 -8.33
N GLY A 182 -40.43 6.80 -8.40
CA GLY A 182 -40.65 6.11 -9.66
C GLY A 182 -41.37 6.97 -10.68
N GLN A 183 -42.47 7.64 -10.26
CA GLN A 183 -43.17 8.54 -11.17
C GLN A 183 -42.32 9.72 -11.58
N TRP A 184 -41.61 10.32 -10.63
CA TRP A 184 -40.82 11.51 -10.95
C TRP A 184 -39.65 11.17 -11.86
N ALA A 185 -38.98 10.03 -11.62
CA ALA A 185 -37.86 9.63 -12.46
C ALA A 185 -38.33 9.22 -13.85
N GLY A 186 -39.45 8.48 -13.94
CA GLY A 186 -39.98 8.14 -15.26
C GLY A 186 -40.47 9.34 -16.04
N TYR A 187 -41.12 10.29 -15.35
CA TYR A 187 -41.60 11.50 -16.00
C TYR A 187 -40.43 12.37 -16.47
N LEU A 188 -39.36 12.45 -15.68
CA LEU A 188 -38.23 13.27 -16.09
C LEU A 188 -37.41 12.60 -17.17
N LEU A 189 -37.38 11.27 -17.21
CA LEU A 189 -36.68 10.60 -18.30
C LEU A 189 -37.49 10.64 -19.59
N GLN A 190 -38.81 10.72 -19.51
CA GLN A 190 -39.60 10.98 -20.72
C GLN A 190 -39.48 12.44 -21.17
N ARG A 191 -39.53 13.38 -20.23
CA ARG A 191 -39.63 14.80 -20.57
C ARG A 191 -38.28 15.39 -20.97
N ALA A 192 -37.25 15.16 -20.16
CA ALA A 192 -35.90 15.66 -20.42
C ALA A 192 -34.96 14.46 -20.48
N PRO A 193 -34.84 13.82 -21.63
CA PRO A 193 -34.01 12.62 -21.73
C PRO A 193 -32.54 12.93 -21.60
N GLY A 194 -31.79 11.96 -21.10
CA GLY A 194 -30.38 12.14 -20.80
C GLY A 194 -30.09 12.73 -19.44
N ILE A 195 -31.10 12.94 -18.61
CA ILE A 195 -30.90 13.55 -17.30
C ILE A 195 -30.29 12.53 -16.35
N ARG A 196 -29.39 12.99 -15.49
CA ARG A 196 -28.82 12.16 -14.44
C ARG A 196 -29.75 12.19 -13.23
N LEU A 197 -29.92 11.04 -12.60
CA LEU A 197 -30.88 10.94 -11.49
C LEU A 197 -30.24 11.27 -10.14
N ASN A 198 -29.06 10.70 -9.86
CA ASN A 198 -28.43 10.94 -8.58
C ASN A 198 -27.11 11.68 -8.76
N PRO A 199 -26.76 12.56 -7.83
CA PRO A 199 -25.51 13.32 -7.96
C PRO A 199 -24.29 12.45 -7.73
N THR A 200 -23.18 12.88 -8.31
CA THR A 200 -21.88 12.26 -8.09
C THR A 200 -20.97 13.21 -7.32
N GLN A 201 -20.42 12.72 -6.21
CA GLN A 201 -19.43 13.49 -5.47
C GLN A 201 -18.04 13.32 -6.07
N GLN A 202 -17.84 12.30 -6.90
CA GLN A 202 -16.55 12.04 -7.52
C GLN A 202 -16.20 13.14 -8.53
N SER A 203 -17.12 13.45 -9.43
CA SER A 203 -16.88 14.41 -10.50
C SER A 203 -18.18 15.02 -10.99
N LEU A 210 -22.37 19.60 -20.34
CA LEU A 210 -21.50 19.83 -19.19
C LEU A 210 -22.36 20.11 -17.96
N SER A 211 -23.37 20.96 -18.12
CA SER A 211 -24.26 21.34 -17.01
C SER A 211 -25.48 20.42 -16.94
N ASN A 212 -25.23 19.11 -16.90
CA ASN A 212 -26.30 18.12 -16.74
C ASN A 212 -26.72 18.13 -15.28
N ALA A 213 -27.67 19.00 -14.95
CA ALA A 213 -28.16 19.12 -13.58
C ALA A 213 -28.95 17.88 -13.19
N THR A 214 -28.64 17.35 -12.00
CA THR A 214 -29.22 16.08 -11.57
C THR A 214 -30.68 16.24 -11.18
N ALA A 215 -31.45 15.17 -11.39
CA ALA A 215 -32.87 15.19 -11.06
C ALA A 215 -33.09 15.24 -9.55
N PHE A 216 -32.39 14.40 -8.80
CA PHE A 216 -32.50 14.37 -7.35
C PHE A 216 -31.21 14.91 -6.76
N GLU A 217 -31.27 15.26 -5.47
CA GLU A 217 -30.11 15.78 -4.78
C GLU A 217 -29.75 14.99 -3.53
N THR A 218 -30.73 14.56 -2.75
CA THR A 218 -30.47 13.80 -1.54
C THR A 218 -30.39 12.32 -1.86
N ARG A 219 -29.77 11.57 -0.95
CA ARG A 219 -29.70 10.12 -1.08
C ARG A 219 -31.08 9.50 -0.89
N LEU A 220 -31.41 8.54 -1.75
CA LEU A 220 -32.68 7.83 -1.65
C LEU A 220 -32.73 6.99 -0.38
N ARG A 221 -33.90 6.96 0.25
CA ARG A 221 -34.12 6.20 1.47
C ARG A 221 -35.04 5.02 1.19
N GLN A 222 -34.90 3.96 2.00
CA GLN A 222 -35.72 2.77 1.80
C GLN A 222 -37.18 3.01 2.15
N GLU A 223 -37.45 3.99 3.03
CA GLU A 223 -38.83 4.30 3.37
C GLU A 223 -39.60 4.88 2.19
N ASP A 224 -38.91 5.59 1.29
CA ASP A 224 -39.58 6.17 0.13
C ASP A 224 -39.90 5.11 -0.90
N VAL A 225 -38.99 4.15 -1.12
CA VAL A 225 -39.26 3.05 -2.04
C VAL A 225 -40.34 2.14 -1.47
N LEU A 226 -40.34 1.94 -0.14
CA LEU A 226 -41.41 1.19 0.52
C LEU A 226 -42.75 1.91 0.38
N TRP A 227 -42.75 3.24 0.51
CA TRP A 227 -43.97 4.02 0.34
C TRP A 227 -44.49 3.94 -1.10
N GLU A 228 -43.59 4.00 -2.08
CA GLU A 228 -44.00 3.86 -3.47
C GLU A 228 -44.56 2.48 -3.75
N LEU A 229 -43.94 1.44 -3.18
CA LEU A 229 -44.44 0.08 -3.38
C LEU A 229 -45.80 -0.12 -2.72
N ARG A 230 -46.01 0.50 -1.55
CA ARG A 230 -47.32 0.42 -0.91
C ARG A 230 -48.37 1.24 -1.67
N CYS A 231 -47.97 2.36 -2.28
CA CYS A 231 -48.88 3.12 -3.13
C CYS A 231 -49.27 2.33 -4.37
N ILE A 232 -48.30 1.64 -4.97
CA ILE A 232 -48.55 0.77 -6.12
C ILE A 232 -49.49 -0.37 -5.71
N ALA A 233 -49.29 -0.92 -4.52
CA ALA A 233 -50.14 -1.98 -4.00
C ALA A 233 -51.57 -1.50 -3.75
N ASP A 234 -51.72 -0.28 -3.23
CA ASP A 234 -53.05 0.26 -2.97
C ASP A 234 -53.77 0.60 -4.26
N VAL A 235 -53.04 1.08 -5.27
CA VAL A 235 -53.65 1.38 -6.56
C VAL A 235 -54.07 0.10 -7.28
N GLN A 236 -53.19 -0.90 -7.31
CA GLN A 236 -53.47 -2.12 -8.06
C GLN A 236 -54.28 -3.15 -7.26
N GLY A 237 -54.55 -2.90 -5.99
CA GLY A 237 -55.37 -3.80 -5.19
C GLY A 237 -54.75 -5.16 -4.93
N LEU A 238 -53.46 -5.18 -4.57
CA LEU A 238 -52.76 -6.42 -4.26
C LEU A 238 -53.15 -6.93 -2.87
N PRO A 239 -53.17 -8.25 -2.67
CA PRO A 239 -53.49 -8.80 -1.34
C PRO A 239 -52.38 -8.53 -0.34
N GLU A 240 -52.79 -8.47 0.94
CA GLU A 240 -51.95 -7.96 2.02
C GLU A 240 -50.74 -8.86 2.26
N ASP A 241 -50.94 -10.18 2.20
CA ASP A 241 -49.84 -11.11 2.40
C ASP A 241 -48.84 -11.04 1.25
N VAL A 242 -49.34 -10.80 0.03
CA VAL A 242 -48.47 -10.63 -1.14
C VAL A 242 -47.61 -9.37 -0.97
N VAL A 243 -48.22 -8.27 -0.53
CA VAL A 243 -47.47 -7.03 -0.31
C VAL A 243 -46.45 -7.20 0.81
N SER A 244 -46.82 -7.92 1.88
CA SER A 244 -45.90 -8.17 2.98
C SER A 244 -44.71 -9.01 2.53
N ASN A 245 -44.96 -10.05 1.72
CA ASN A 245 -43.87 -10.88 1.22
C ASN A 245 -42.97 -10.12 0.26
N VAL A 246 -43.56 -9.25 -0.58
CA VAL A 246 -42.77 -8.46 -1.52
C VAL A 246 -41.91 -7.44 -0.78
N ILE A 247 -42.45 -6.84 0.29
CA ILE A 247 -41.67 -5.93 1.11
C ILE A 247 -40.53 -6.67 1.81
N ASP A 248 -40.83 -7.85 2.37
CA ASP A 248 -39.82 -8.62 3.10
C ASP A 248 -38.76 -9.19 2.18
N ALA A 249 -39.04 -9.32 0.88
CA ALA A 249 -38.02 -9.80 -0.05
C ALA A 249 -37.23 -8.66 -0.68
N VAL A 250 -37.87 -7.52 -0.94
CA VAL A 250 -37.18 -6.38 -1.54
C VAL A 250 -36.25 -5.73 -0.51
N PHE A 251 -36.72 -5.54 0.71
CA PHE A 251 -35.99 -4.81 1.73
C PHE A 251 -35.33 -5.72 2.76
N CYS A 252 -35.05 -6.97 2.39
CA CYS A 252 -34.34 -7.86 3.31
C CYS A 252 -32.88 -7.43 3.41
N GLN A 253 -32.35 -7.49 4.63
CA GLN A 253 -31.02 -6.99 4.91
C GLN A 253 -30.54 -7.65 6.19
N LYS A 254 -29.34 -8.22 6.15
CA LYS A 254 -28.77 -8.85 7.33
C LYS A 254 -28.46 -7.81 8.40
N ARG A 255 -28.88 -8.10 9.63
CA ARG A 255 -28.58 -7.20 10.72
C ARG A 255 -27.09 -7.26 11.06
N PRO A 256 -26.49 -6.16 11.49
CA PRO A 256 -25.08 -6.18 11.86
C PRO A 256 -24.83 -7.01 13.12
N SER A 257 -23.76 -7.79 13.07
CA SER A 257 -23.38 -8.67 14.16
C SER A 257 -21.91 -8.43 14.48
N VAL A 258 -21.38 -9.21 15.42
CA VAL A 258 -19.98 -9.05 15.81
C VAL A 258 -19.31 -10.42 15.65
N PRO A 259 -18.91 -10.80 14.43
CA PRO A 259 -18.16 -12.06 14.27
C PRO A 259 -16.73 -11.99 14.76
N ALA A 260 -15.97 -10.99 14.31
CA ALA A 260 -14.53 -10.96 14.43
C ALA A 260 -14.01 -10.19 15.63
N GLU A 261 -14.57 -9.01 15.92
CA GLU A 261 -14.06 -8.17 17.01
C GLU A 261 -14.66 -8.64 18.34
N ARG A 262 -14.18 -9.78 18.80
CA ARG A 262 -14.82 -10.52 19.88
C ARG A 262 -14.30 -10.13 21.27
N ILE A 263 -13.87 -8.89 21.44
CA ILE A 263 -13.40 -8.42 22.74
C ILE A 263 -14.60 -8.10 23.64
N ARG A 474 -4.72 -10.57 38.68
CA ARG A 474 -4.58 -9.67 37.53
C ARG A 474 -4.69 -10.48 36.24
N PRO A 475 -5.17 -9.84 35.16
CA PRO A 475 -5.19 -10.52 33.87
C PRO A 475 -3.78 -10.80 33.38
N PRO A 476 -3.56 -11.90 32.66
CA PRO A 476 -2.22 -12.16 32.12
C PRO A 476 -1.85 -11.18 31.03
N LEU A 477 -0.61 -10.69 31.12
CA LEU A 477 -0.13 -9.72 30.14
C LEU A 477 0.15 -10.42 28.80
N PRO A 478 -0.12 -9.77 27.67
CA PRO A 478 0.13 -10.40 26.37
C PRO A 478 1.61 -10.57 26.09
N ALA A 479 1.93 -11.60 25.32
CA ALA A 479 3.31 -11.94 25.00
C ALA A 479 3.77 -11.18 23.76
N LEU A 480 5.06 -11.34 23.43
CA LEU A 480 5.63 -10.64 22.29
C LEU A 480 5.08 -11.14 20.96
N HIS A 481 4.79 -12.44 20.87
CA HIS A 481 4.31 -13.05 19.63
C HIS A 481 2.85 -12.74 19.32
N GLU A 482 2.12 -12.13 20.24
CA GLU A 482 0.71 -11.83 20.05
C GLU A 482 0.54 -10.46 19.41
N ALA A 483 -0.28 -10.40 18.36
CA ALA A 483 -0.53 -9.14 17.67
C ALA A 483 -1.42 -8.23 18.51
N THR A 484 -1.27 -6.93 18.29
CA THR A 484 -2.02 -5.93 19.06
C THR A 484 -3.21 -5.34 18.30
N GLY A 485 -3.32 -5.60 16.99
CA GLY A 485 -4.46 -5.18 16.21
C GLY A 485 -4.31 -3.85 15.51
N HIS A 486 -3.43 -2.97 15.99
CA HIS A 486 -3.18 -1.65 15.39
C HIS A 486 -1.90 -1.70 14.57
N PRO A 487 -1.90 -1.07 13.36
CA PRO A 487 -0.84 -1.34 12.38
C PRO A 487 0.55 -0.82 12.75
N VAL A 488 0.63 0.44 13.20
CA VAL A 488 1.92 1.04 13.53
C VAL A 488 2.56 0.33 14.71
N VAL A 489 1.76 0.01 15.73
CA VAL A 489 2.22 -0.72 16.89
C VAL A 489 2.61 -2.14 16.52
N ASP A 490 1.90 -2.74 15.55
CA ASP A 490 2.25 -4.09 15.09
C ASP A 490 3.60 -4.11 14.37
N ARG A 491 3.87 -3.10 13.53
CA ARG A 491 5.16 -3.04 12.84
C ARG A 491 6.30 -2.84 13.83
N ASN A 492 6.11 -1.90 14.78
CA ASN A 492 7.13 -1.66 15.80
C ASN A 492 7.35 -2.88 16.68
N LEU A 493 6.25 -3.58 17.02
CA LEU A 493 6.33 -4.79 17.83
C LEU A 493 7.07 -5.91 17.11
N ALA A 494 6.80 -6.09 15.81
CA ALA A 494 7.47 -7.15 15.05
C ALA A 494 8.97 -6.89 14.94
N ILE A 495 9.34 -5.64 14.66
CA ILE A 495 10.76 -5.29 14.56
C ILE A 495 11.47 -5.44 15.91
N LEU A 496 10.84 -4.96 16.98
CA LEU A 496 11.42 -5.07 18.33
C LEU A 496 11.51 -6.53 18.77
N ARG A 497 10.52 -7.35 18.40
CA ARG A 497 10.52 -8.77 18.76
C ARG A 497 11.64 -9.52 18.06
N LYS A 498 11.86 -9.25 16.77
CA LYS A 498 12.98 -9.86 16.06
C LYS A 498 14.32 -9.44 16.64
N PHE A 499 14.47 -8.12 16.92
CA PHE A 499 15.72 -7.61 17.49
C PHE A 499 15.99 -8.21 18.86
N LEU A 500 14.95 -8.31 19.68
CA LEU A 500 15.11 -8.84 21.03
C LEU A 500 15.45 -10.32 21.01
N SER A 501 14.85 -11.08 20.08
CA SER A 501 15.16 -12.50 19.96
C SER A 501 16.61 -12.70 19.52
N SER A 502 17.06 -11.95 18.50
CA SER A 502 18.44 -12.09 18.03
C SER A 502 19.46 -11.61 19.07
N ALA A 503 19.15 -10.52 19.77
CA ALA A 503 20.03 -10.00 20.80
C ALA A 503 20.10 -10.95 21.99
N THR A 504 18.99 -11.62 22.31
CA THR A 504 19.02 -12.62 23.37
C THR A 504 19.83 -13.83 22.97
N MET A 505 19.72 -14.26 21.71
CA MET A 505 20.47 -15.43 21.28
C MET A 505 21.96 -15.13 21.11
N ARG A 506 22.35 -13.87 20.97
CA ARG A 506 23.78 -13.62 20.80
C ARG A 506 24.48 -13.02 22.01
N TRP A 507 23.77 -12.29 22.89
CA TRP A 507 24.41 -11.75 24.10
C TRP A 507 23.64 -12.05 25.38
N GLY A 508 22.61 -12.90 25.35
CA GLY A 508 21.81 -13.13 26.52
C GLY A 508 20.74 -12.08 26.74
N PRO A 509 19.95 -12.23 27.81
CA PRO A 509 18.88 -11.27 28.06
C PRO A 509 19.42 -9.93 28.52
N PRO A 510 18.69 -8.84 28.28
CA PRO A 510 19.10 -7.54 28.81
C PRO A 510 18.81 -7.43 30.30
N GLN A 511 19.49 -6.47 30.94
CA GLN A 511 19.22 -6.21 32.36
C GLN A 511 18.19 -5.11 32.60
N SER A 512 17.93 -4.23 31.64
CA SER A 512 16.68 -3.46 31.63
C SER A 512 16.38 -3.03 30.20
N ILE A 513 15.16 -2.52 30.03
CA ILE A 513 14.64 -2.07 28.74
C ILE A 513 14.08 -0.67 28.92
N VAL A 514 14.59 0.28 28.15
CA VAL A 514 14.16 1.68 28.20
C VAL A 514 13.55 2.04 26.85
N VAL A 515 12.31 2.53 26.87
CA VAL A 515 11.53 2.76 25.66
C VAL A 515 11.08 4.22 25.62
N GLU A 516 11.21 4.86 24.45
CA GLU A 516 10.77 6.23 24.21
C GLU A 516 9.66 6.22 23.17
N LEU A 517 8.41 6.25 23.62
CA LEU A 517 7.31 6.52 22.70
C LEU A 517 7.38 7.97 22.21
N ALA A 518 7.07 8.16 20.93
CA ALA A 518 7.11 9.51 20.37
C ALA A 518 5.94 10.34 20.88
N ARG A 519 6.09 11.66 20.76
CA ARG A 519 4.99 12.56 21.08
C ARG A 519 3.85 12.44 20.07
N GLY A 520 4.17 12.09 18.83
CA GLY A 520 3.17 11.85 17.81
C GLY A 520 2.58 10.46 17.90
N ALA A 521 2.46 9.79 16.74
CA ALA A 521 1.93 8.44 16.56
C ALA A 521 0.48 8.30 17.02
N SER A 522 -0.25 9.42 17.13
CA SER A 522 -1.68 9.38 17.44
C SER A 522 -2.49 10.40 16.66
N GLU A 523 -1.87 11.14 15.74
CA GLU A 523 -2.54 12.23 15.04
C GLU A 523 -3.42 11.68 13.92
N SER A 524 -4.12 12.58 13.24
CA SER A 524 -5.03 12.20 12.16
C SER A 524 -4.72 12.96 10.89
N GLU A 682 6.72 9.57 30.81
CA GLU A 682 5.82 8.43 30.91
C GLU A 682 4.61 8.59 29.99
N SER A 683 4.51 7.71 29.00
CA SER A 683 3.38 7.69 28.08
C SER A 683 2.37 6.64 28.52
N THR A 684 1.08 6.99 28.43
CA THR A 684 0.02 6.08 28.81
C THR A 684 -0.94 5.90 27.62
N GLY A 685 -0.40 6.01 26.42
CA GLY A 685 -1.16 5.73 25.22
C GLY A 685 -1.33 4.23 25.02
N TYR A 686 -2.08 3.86 23.98
CA TYR A 686 -2.33 2.44 23.71
C TYR A 686 -1.06 1.73 23.28
N ALA A 687 -0.24 2.39 22.46
CA ALA A 687 1.05 1.82 22.05
C ALA A 687 1.97 1.63 23.25
N ALA A 688 1.98 2.61 24.16
CA ALA A 688 2.79 2.51 25.37
C ALA A 688 2.31 1.38 26.28
N VAL A 689 0.99 1.22 26.43
CA VAL A 689 0.43 0.17 27.27
C VAL A 689 0.75 -1.20 26.68
N ALA A 690 0.58 -1.36 25.36
CA ALA A 690 0.88 -2.62 24.70
C ALA A 690 2.36 -2.97 24.80
N LEU A 691 3.23 -1.97 24.63
CA LEU A 691 4.67 -2.22 24.72
C LEU A 691 5.10 -2.53 26.15
N ARG A 692 4.53 -1.84 27.15
CA ARG A 692 4.86 -2.19 28.53
C ARG A 692 4.39 -3.60 28.89
N ASP A 693 3.19 -3.97 28.45
CA ASP A 693 2.67 -5.30 28.79
C ASP A 693 3.48 -6.41 28.12
N ARG A 694 3.85 -6.22 26.84
CA ARG A 694 4.59 -7.25 26.15
C ARG A 694 6.05 -7.33 26.60
N LEU A 695 6.67 -6.17 26.86
CA LEU A 695 8.06 -6.20 27.32
C LEU A 695 8.14 -6.67 28.77
N LEU A 696 7.10 -6.43 29.58
CA LEU A 696 7.08 -6.97 30.92
C LEU A 696 6.78 -8.47 30.91
N SER A 697 6.02 -8.96 29.92
CA SER A 697 5.88 -10.40 29.73
C SER A 697 7.22 -11.04 29.42
N TYR A 698 7.99 -10.41 28.51
CA TYR A 698 9.33 -10.89 28.22
C TYR A 698 10.24 -10.79 29.45
N GLY A 699 10.06 -9.72 30.24
CA GLY A 699 10.87 -9.56 31.44
C GLY A 699 10.60 -10.61 32.49
N GLU A 700 9.34 -10.97 32.69
CA GLU A 700 9.03 -12.01 33.67
C GLU A 700 9.37 -13.40 33.14
N LYS A 701 9.44 -13.59 31.82
CA LYS A 701 9.90 -14.88 31.31
C LYS A 701 11.42 -15.00 31.23
N ASN A 702 12.17 -13.90 31.18
CA ASN A 702 13.60 -13.98 30.94
C ASN A 702 14.49 -13.42 32.04
N GLY A 703 13.97 -12.59 32.93
CA GLY A 703 14.74 -12.04 34.02
C GLY A 703 15.20 -10.61 33.87
N VAL A 704 14.46 -9.78 33.13
CA VAL A 704 14.77 -8.36 33.02
C VAL A 704 14.36 -7.67 34.31
N ALA A 705 15.28 -6.89 34.87
CA ALA A 705 15.09 -6.35 36.23
C ALA A 705 14.03 -5.26 36.26
N GLN A 706 14.08 -4.30 35.33
CA GLN A 706 13.02 -3.30 35.21
C GLN A 706 12.77 -2.98 33.75
N VAL A 707 11.56 -2.51 33.47
CA VAL A 707 11.19 -1.99 32.15
C VAL A 707 10.55 -0.63 32.36
N ALA A 708 11.15 0.42 31.79
CA ALA A 708 10.66 1.78 31.93
C ALA A 708 10.39 2.36 30.55
N VAL A 709 9.23 3.01 30.41
CA VAL A 709 8.81 3.59 29.13
C VAL A 709 8.55 5.07 29.34
N PHE A 710 9.22 5.91 28.55
CA PHE A 710 9.19 7.35 28.72
C PHE A 710 8.30 8.01 27.68
N ARG A 711 7.99 9.28 27.90
CA ARG A 711 7.23 10.10 26.97
C ARG A 711 8.17 11.02 26.22
N GLY A 712 7.88 11.24 24.94
CA GLY A 712 8.71 12.14 24.14
C GLY A 712 8.65 13.56 24.63
N GLY A 713 9.75 14.29 24.44
CA GLY A 713 10.97 13.92 23.73
C GLY A 713 12.25 13.88 24.54
N VAL A 714 12.18 13.25 25.73
CA VAL A 714 13.24 13.20 26.75
C VAL A 714 14.62 12.88 26.16
N THR A 715 14.67 11.95 25.20
CA THR A 715 15.96 11.53 24.63
C THR A 715 16.64 12.62 23.81
N ALA A 716 15.89 13.59 23.29
CA ALA A 716 16.51 14.70 22.56
C ALA A 716 17.30 15.59 23.51
N GLU A 717 16.75 15.89 24.68
CA GLU A 717 17.47 16.71 25.64
C GLU A 717 18.56 15.91 26.34
N ALA A 718 18.36 14.59 26.50
CA ALA A 718 19.42 13.73 26.98
C ALA A 718 20.60 13.72 26.01
N ARG A 719 20.32 13.75 24.71
CA ARG A 719 21.39 13.94 23.72
C ARG A 719 21.97 15.35 23.78
N ARG A 720 21.14 16.35 24.13
CA ARG A 720 21.60 17.73 24.19
C ARG A 720 22.62 17.97 25.30
N TRP A 721 22.41 17.38 26.48
CA TRP A 721 23.31 17.71 27.59
C TRP A 721 24.67 17.03 27.49
N LEU A 722 24.82 15.97 26.68
CA LEU A 722 26.11 15.33 26.47
C LEU A 722 26.87 15.88 25.26
N ASP A 723 26.34 16.92 24.61
CA ASP A 723 26.91 17.53 23.40
C ASP A 723 27.07 16.48 22.29
N ILE A 724 25.94 15.92 21.88
CA ILE A 724 25.89 14.97 20.77
C ILE A 724 24.88 15.48 19.77
N SER A 725 25.34 15.73 18.54
CA SER A 725 24.50 16.18 17.44
C SER A 725 24.67 15.23 16.27
N ILE A 726 23.56 14.92 15.60
CA ILE A 726 23.58 14.00 14.46
C ILE A 726 24.35 14.59 13.29
N GLU A 727 24.21 15.91 13.07
CA GLU A 727 24.89 16.58 11.98
C GLU A 727 26.40 16.62 12.16
N ARG A 728 26.87 16.54 13.40
CA ARG A 728 28.30 16.43 13.69
C ARG A 728 28.76 14.99 13.75
N LEU A 729 27.90 14.08 14.20
CA LEU A 729 28.25 12.68 14.33
C LEU A 729 28.39 11.99 12.98
N PHE A 730 27.55 12.34 12.02
CA PHE A 730 27.59 11.71 10.71
C PHE A 730 28.08 12.63 9.61
N SER A 731 28.64 13.81 9.97
CA SER A 731 29.29 14.76 9.06
C SER A 731 28.36 15.22 7.95
N ARG A 732 27.11 15.53 8.32
CA ARG A 732 26.12 15.96 7.35
C ARG A 732 26.29 17.45 7.07
N VAL A 733 26.28 17.80 5.78
CA VAL A 733 26.42 19.19 5.38
C VAL A 733 25.17 19.97 5.76
N ALA A 734 25.35 21.27 6.00
CA ALA A 734 24.26 22.11 6.46
C ALA A 734 23.25 22.38 5.35
N ILE A 735 21.97 22.32 5.69
CA ILE A 735 20.90 22.58 4.73
C ILE A 735 20.23 23.93 4.95
N PHE A 736 20.15 24.40 6.20
CA PHE A 736 19.46 25.64 6.52
C PHE A 736 20.48 26.74 6.76
N ALA A 737 20.27 27.89 6.13
CA ALA A 737 21.17 29.02 6.31
C ALA A 737 21.03 29.61 7.72
N GLN A 738 19.80 29.84 8.15
CA GLN A 738 19.53 30.37 9.48
C GLN A 738 18.98 29.25 10.36
N SER A 739 19.33 29.32 11.65
CA SER A 739 19.01 28.36 12.71
C SER A 739 19.62 26.98 12.50
N THR A 740 19.63 26.17 13.55
CA THR A 740 20.22 24.84 13.48
C THR A 740 19.28 23.87 12.80
N SER A 741 19.84 23.04 11.91
CA SER A 741 19.04 22.07 11.17
C SER A 741 18.53 20.97 12.08
N THR A 742 17.33 20.50 11.78
CA THR A 742 16.69 19.44 12.55
C THR A 742 17.42 18.12 12.31
N LYS A 743 17.48 17.28 13.36
CA LYS A 743 18.20 16.01 13.33
C LYS A 743 17.58 14.98 12.40
N ARG A 744 16.37 15.22 11.87
CA ARG A 744 15.64 14.27 11.04
C ARG A 744 16.25 14.03 9.67
N LEU A 745 17.34 14.73 9.31
CA LEU A 745 17.96 14.55 8.00
C LEU A 745 18.50 13.14 7.84
N ASP A 746 19.28 12.68 8.81
CA ASP A 746 19.90 11.37 8.76
C ASP A 746 19.07 10.38 9.55
N ARG A 747 18.72 9.27 8.91
CA ARG A 747 17.82 8.27 9.50
C ARG A 747 18.49 7.46 10.60
N ARG A 748 19.82 7.57 10.77
CA ARG A 748 20.53 6.91 11.86
C ARG A 748 20.31 7.57 13.22
N HIS A 749 19.63 8.73 13.24
CA HIS A 749 19.35 9.43 14.49
C HIS A 749 18.48 8.60 15.42
N HIS A 750 17.67 7.70 14.86
CA HIS A 750 16.85 6.80 15.67
C HIS A 750 17.73 5.83 16.45
N ALA A 751 18.73 5.24 15.80
CA ALA A 751 19.64 4.34 16.52
C ALA A 751 20.53 5.09 17.50
N VAL A 752 20.92 6.33 17.17
CA VAL A 752 21.68 7.14 18.11
C VAL A 752 20.82 7.50 19.33
N ASP A 753 19.54 7.80 19.11
CA ASP A 753 18.62 8.08 20.21
C ASP A 753 18.36 6.83 21.05
N ALA A 754 18.38 5.65 20.43
CA ALA A 754 18.26 4.41 21.18
C ALA A 754 19.49 4.17 22.06
N VAL A 755 20.68 4.48 21.53
CA VAL A 755 21.91 4.40 22.30
C VAL A 755 21.87 5.35 23.50
N VAL A 756 21.39 6.58 23.27
CA VAL A 756 21.26 7.57 24.34
C VAL A 756 20.19 7.12 25.35
N LEU A 757 19.13 6.50 24.86
CA LEU A 757 18.05 5.97 25.69
C LEU A 757 18.51 4.86 26.62
N THR A 758 19.48 4.07 26.16
CA THR A 758 20.02 2.97 26.96
C THR A 758 20.60 3.47 28.29
N THR A 759 21.23 4.65 28.26
CA THR A 759 21.82 5.21 29.47
C THR A 759 20.79 5.80 30.43
N LEU A 760 19.56 6.01 29.98
CA LEU A 760 18.58 6.76 30.79
C LEU A 760 17.99 5.90 31.91
N THR A 761 17.57 6.59 32.97
CA THR A 761 16.87 6.05 34.11
C THR A 761 15.69 6.96 34.40
N PRO A 762 14.62 6.44 35.05
CA PRO A 762 13.41 7.27 35.26
C PRO A 762 13.62 8.53 36.10
N GLY A 763 14.49 8.49 37.11
CA GLY A 763 14.74 9.68 37.91
C GLY A 763 15.44 10.77 37.11
N VAL A 764 16.44 10.39 36.32
CA VAL A 764 17.15 11.33 35.47
C VAL A 764 16.22 11.87 34.38
N ALA A 765 15.33 11.01 33.86
CA ALA A 765 14.34 11.47 32.88
C ALA A 765 13.37 12.47 33.50
N LYS A 766 12.99 12.26 34.76
CA LYS A 766 12.16 13.22 35.48
C LYS A 766 12.87 14.56 35.65
N THR A 767 14.16 14.51 36.01
CA THR A 767 14.93 15.76 36.17
C THR A 767 15.07 16.50 34.84
N LEU A 768 15.29 15.78 33.74
CA LEU A 768 15.41 16.43 32.44
C LEU A 768 14.07 17.01 31.98
N ALA A 769 12.96 16.31 32.26
CA ALA A 769 11.64 16.84 31.93
C ALA A 769 11.34 18.10 32.73
N ASP A 770 11.70 18.10 34.03
CA ASP A 770 11.52 19.29 34.84
C ASP A 770 12.42 20.43 34.37
N ALA A 771 13.63 20.10 33.91
CA ALA A 771 14.54 21.10 33.37
C ALA A 771 13.99 21.74 32.11
N ARG A 772 13.42 20.93 31.21
CA ARG A 772 12.80 21.47 30.00
C ARG A 772 11.57 22.32 30.33
N SER A 773 10.75 21.86 31.29
CA SER A 773 9.55 22.60 31.66
C SER A 773 9.90 23.93 32.35
N ARG A 774 11.03 23.98 33.05
CA ARG A 774 11.50 25.24 33.60
C ARG A 774 12.15 26.12 32.55
N ARG A 775 12.78 25.52 31.54
CA ARG A 775 13.50 26.29 30.53
C ARG A 775 12.56 26.94 29.52
N VAL A 776 11.44 26.29 29.17
CA VAL A 776 10.61 26.82 28.09
C VAL A 776 9.87 28.09 28.54
N SER A 777 9.57 28.21 29.83
CA SER A 777 8.91 29.43 30.29
C SER A 777 9.91 30.57 30.39
N ALA A 778 11.17 30.28 30.70
CA ALA A 778 12.16 31.34 30.75
C ALA A 778 12.55 31.76 29.34
N GLU A 779 12.43 30.84 28.38
CA GLU A 779 12.73 31.15 26.99
C GLU A 779 11.64 32.03 26.41
N PHE A 780 10.38 31.77 26.79
CA PHE A 780 9.30 32.64 26.33
C PHE A 780 9.30 33.98 27.06
N TRP A 781 9.77 34.00 28.32
CA TRP A 781 9.82 35.23 29.09
C TRP A 781 10.98 36.14 28.67
N ARG A 782 12.10 35.57 28.24
CA ARG A 782 13.29 36.34 27.89
C ARG A 782 13.32 36.78 26.42
N ARG A 783 12.25 36.54 25.67
CA ARG A 783 12.18 36.93 24.26
C ARG A 783 12.12 38.44 24.12
N PRO A 784 11.44 39.15 25.03
CA PRO A 784 11.37 40.61 24.94
C PRO A 784 12.12 41.32 26.06
N SER A 791 17.71 31.38 31.80
CA SER A 791 17.45 31.29 30.37
C SER A 791 18.75 31.43 29.57
N THR A 792 19.49 30.34 29.40
CA THR A 792 19.20 28.99 29.86
C THR A 792 19.78 28.75 31.26
N GLU A 793 18.94 28.29 32.18
CA GLU A 793 19.32 28.07 33.57
C GLU A 793 19.26 26.58 33.85
N GLU A 794 20.32 26.06 34.49
CA GLU A 794 20.44 24.62 34.74
C GLU A 794 19.89 24.27 36.11
N PRO A 795 18.88 23.41 36.21
CA PRO A 795 18.53 22.84 37.51
C PRO A 795 19.57 21.84 37.96
N GLN A 796 19.74 21.73 39.28
CA GLN A 796 20.82 20.96 39.88
C GLN A 796 20.28 19.62 40.38
N SER A 797 21.00 18.54 40.07
CA SER A 797 20.61 17.21 40.53
C SER A 797 21.82 16.29 40.64
N PRO A 798 21.96 15.59 41.78
CA PRO A 798 23.11 14.68 41.93
C PRO A 798 22.98 13.45 41.05
N ALA A 799 21.75 12.98 40.79
CA ALA A 799 21.56 11.86 39.87
C ALA A 799 21.93 12.26 38.44
N TYR A 800 21.62 13.50 38.07
CA TYR A 800 22.05 14.02 36.77
C TYR A 800 23.57 14.14 36.71
N ARG A 801 24.21 14.56 37.81
CA ARG A 801 25.66 14.67 37.82
C ARG A 801 26.33 13.30 37.71
N GLN A 802 25.78 12.30 38.40
CA GLN A 802 26.31 10.95 38.32
C GLN A 802 26.09 10.34 36.94
N TRP A 803 24.94 10.65 36.31
CA TRP A 803 24.66 10.17 34.97
C TRP A 803 25.61 10.80 33.95
N LYS A 804 25.89 12.10 34.09
CA LYS A 804 26.79 12.78 33.17
C LYS A 804 28.24 12.34 33.37
N GLU A 805 28.61 11.99 34.62
CA GLU A 805 29.92 11.39 34.86
C GLU A 805 30.01 10.00 34.26
N SER A 806 28.93 9.22 34.36
CA SER A 806 28.94 7.85 33.84
C SER A 806 28.89 7.79 32.33
N CYS A 807 28.42 8.85 31.67
CA CYS A 807 28.23 8.84 30.22
C CYS A 807 29.20 9.77 29.49
N SER A 808 30.44 9.82 29.97
CA SER A 808 31.45 10.66 29.31
C SER A 808 31.92 10.06 28.00
N GLY A 809 32.11 8.74 27.96
CA GLY A 809 32.60 8.04 26.80
C GLY A 809 31.56 7.63 25.78
N LEU A 810 30.29 8.00 26.00
CA LEU A 810 29.24 7.66 25.05
C LEU A 810 29.44 8.34 23.71
N GLY A 811 29.90 9.59 23.72
CA GLY A 811 30.20 10.29 22.48
C GLY A 811 31.35 9.65 21.73
N ASP A 812 32.39 9.21 22.45
CA ASP A 812 33.51 8.53 21.82
C ASP A 812 33.10 7.19 21.23
N LEU A 813 32.22 6.46 21.93
CA LEU A 813 31.68 5.22 21.39
C LEU A 813 30.84 5.48 20.14
N LEU A 814 30.08 6.57 20.13
CA LEU A 814 29.25 6.90 18.98
C LEU A 814 30.11 7.28 17.76
N ILE A 815 31.17 8.07 17.98
CA ILE A 815 32.12 8.37 16.91
C ILE A 815 32.79 7.09 16.38
N SER A 816 33.19 6.20 17.30
CA SER A 816 33.88 4.97 16.90
C SER A 816 32.97 4.05 16.10
N THR A 817 31.71 3.92 16.50
CA THR A 817 30.79 3.06 15.75
C THR A 817 30.32 3.70 14.46
N ALA A 818 30.23 5.04 14.40
CA ALA A 818 29.83 5.70 13.17
C ALA A 818 30.96 5.73 12.14
N ALA A 819 32.21 5.67 12.60
CA ALA A 819 33.34 5.71 11.66
C ALA A 819 33.43 4.45 10.82
N ARG A 820 33.18 3.29 11.42
CA ARG A 820 33.26 2.02 10.72
C ARG A 820 31.91 1.58 10.15
N ASP A 821 30.90 2.46 10.21
CA ASP A 821 29.60 2.29 9.54
C ASP A 821 28.85 1.06 10.04
N SER A 822 28.86 0.86 11.37
CA SER A 822 28.16 -0.25 11.99
C SER A 822 26.74 0.11 12.39
N ILE A 823 26.35 1.38 12.30
CA ILE A 823 24.97 1.79 12.52
C ILE A 823 24.24 1.67 11.20
N ALA A 824 23.20 0.85 11.17
CA ALA A 824 22.54 0.52 9.91
C ALA A 824 21.12 1.08 9.88
N VAL A 825 20.68 1.48 8.69
CA VAL A 825 19.30 1.84 8.41
C VAL A 825 18.75 0.80 7.45
N ALA A 826 17.76 0.04 7.89
CA ALA A 826 17.19 -1.02 7.08
C ALA A 826 15.68 -0.88 7.03
N ALA A 827 15.08 -1.58 6.07
CA ALA A 827 13.64 -1.68 5.94
C ALA A 827 13.26 -3.15 5.86
N PRO A 828 12.15 -3.56 6.49
CA PRO A 828 11.72 -4.96 6.40
C PRO A 828 11.24 -5.30 5.00
N LEU A 829 11.67 -6.46 4.52
CA LEU A 829 11.31 -6.90 3.17
C LEU A 829 9.91 -7.47 3.14
N ARG A 830 9.18 -7.19 2.07
CA ARG A 830 7.87 -7.76 1.83
C ARG A 830 8.03 -8.84 0.77
N LEU A 831 8.06 -10.09 1.19
CA LEU A 831 8.35 -11.20 0.29
C LEU A 831 7.13 -12.05 -0.04
N ARG A 832 6.03 -11.91 0.71
CA ARG A 832 4.83 -12.69 0.40
C ARG A 832 4.19 -12.17 -0.89
N PRO A 833 3.75 -13.06 -1.77
CA PRO A 833 3.10 -12.60 -3.00
C PRO A 833 1.59 -12.42 -2.83
N THR A 834 1.22 -11.50 -1.95
CA THR A 834 -0.17 -11.18 -1.67
C THR A 834 -0.39 -9.69 -1.85
N GLY A 835 -1.59 -9.31 -2.23
CA GLY A 835 -1.95 -7.94 -2.49
C GLY A 835 -2.88 -7.87 -3.68
N ALA A 836 -3.03 -6.66 -4.22
CA ALA A 836 -3.83 -6.47 -5.42
C ALA A 836 -3.11 -7.12 -6.61
N LEU A 837 -3.76 -8.09 -7.25
CA LEU A 837 -3.15 -8.80 -8.36
C LEU A 837 -3.10 -7.96 -9.62
N HIS A 838 -3.98 -6.98 -9.76
CA HIS A 838 -4.02 -6.13 -10.94
C HIS A 838 -4.65 -4.81 -10.56
N GLU A 839 -4.59 -3.87 -11.50
CA GLU A 839 -5.30 -2.61 -11.32
C GLU A 839 -6.81 -2.83 -11.45
N GLU A 840 -7.57 -1.94 -10.80
CA GLU A 840 -9.00 -2.16 -10.68
C GLU A 840 -9.76 -1.86 -11.95
N THR A 841 -9.30 -0.88 -12.74
CA THR A 841 -10.05 -0.40 -13.90
C THR A 841 -10.02 -1.44 -15.01
N LEU A 842 -11.18 -2.01 -15.32
CA LEU A 842 -11.31 -2.88 -16.48
C LEU A 842 -11.27 -2.05 -17.75
N ARG A 843 -10.59 -2.58 -18.78
CA ARG A 843 -10.40 -1.86 -20.03
C ARG A 843 -10.90 -2.70 -21.19
N ALA A 844 -11.33 -2.03 -22.24
CA ALA A 844 -11.85 -2.69 -23.43
C ALA A 844 -10.72 -3.25 -24.27
N PHE A 845 -10.98 -4.42 -24.86
CA PHE A 845 -10.00 -5.07 -25.73
C PHE A 845 -9.94 -4.38 -27.09
N SER A 846 -8.72 -4.19 -27.58
CA SER A 846 -8.52 -3.86 -28.98
C SER A 846 -8.56 -5.13 -29.82
N GLU A 847 -8.52 -4.99 -31.13
CA GLU A 847 -8.77 -6.15 -31.97
C GLU A 847 -8.04 -5.96 -33.30
N HIS A 848 -7.37 -7.01 -33.76
CA HIS A 848 -6.49 -6.92 -34.93
C HIS A 848 -6.71 -8.11 -35.85
N THR A 849 -6.77 -7.87 -37.16
CA THR A 849 -6.95 -8.98 -38.08
C THR A 849 -5.66 -9.78 -38.24
N VAL A 850 -5.81 -11.05 -38.61
CA VAL A 850 -4.67 -11.94 -38.80
C VAL A 850 -3.86 -11.49 -40.03
N GLY A 851 -4.56 -11.20 -41.13
CA GLY A 851 -3.90 -11.01 -42.40
C GLY A 851 -3.28 -9.66 -42.64
N ALA A 852 -3.42 -8.72 -41.72
CA ALA A 852 -2.84 -7.39 -41.91
C ALA A 852 -1.37 -7.38 -41.50
N ALA A 853 -0.75 -6.22 -41.62
CA ALA A 853 0.63 -6.06 -41.16
C ALA A 853 0.67 -5.92 -39.65
N TRP A 854 1.64 -6.57 -39.03
CA TRP A 854 1.79 -6.59 -37.59
C TRP A 854 3.10 -5.91 -37.20
N LYS A 855 3.00 -4.98 -36.25
CA LYS A 855 4.12 -4.32 -35.60
C LYS A 855 4.50 -5.06 -34.32
N GLY A 856 5.55 -4.58 -33.66
CA GLY A 856 6.01 -5.21 -32.42
C GLY A 856 5.05 -5.05 -31.26
N ALA A 857 4.43 -3.87 -31.14
CA ALA A 857 3.47 -3.62 -30.07
C ALA A 857 2.24 -4.51 -30.23
N GLU A 858 1.81 -4.73 -31.47
CA GLU A 858 0.65 -5.58 -31.73
C GLU A 858 0.96 -7.05 -31.45
N LEU A 859 2.21 -7.48 -31.69
CA LEU A 859 2.64 -8.79 -31.21
C LEU A 859 2.62 -8.87 -29.70
N ARG A 860 3.10 -7.82 -29.03
CA ARG A 860 3.20 -7.86 -27.56
C ARG A 860 1.84 -7.79 -26.89
N ARG A 861 0.82 -7.25 -27.55
CA ARG A 861 -0.47 -7.05 -26.93
C ARG A 861 -1.46 -8.18 -27.17
N ILE A 862 -1.03 -9.31 -27.74
CA ILE A 862 -1.94 -10.42 -28.04
C ILE A 862 -2.37 -11.08 -26.74
N VAL A 863 -3.69 -11.15 -26.52
CA VAL A 863 -4.23 -11.58 -25.23
C VAL A 863 -4.10 -13.09 -25.06
N GLU A 864 -4.57 -13.84 -26.04
CA GLU A 864 -4.62 -15.29 -25.90
C GLU A 864 -3.21 -15.89 -25.99
N PRO A 865 -2.79 -16.68 -25.00
CA PRO A 865 -1.41 -17.19 -25.01
C PRO A 865 -1.12 -18.18 -26.12
N GLU A 866 -2.12 -18.93 -26.58
CA GLU A 866 -1.90 -19.88 -27.67
C GLU A 866 -1.75 -19.17 -29.00
N VAL A 867 -2.54 -18.11 -29.23
CA VAL A 867 -2.36 -17.29 -30.42
C VAL A 867 -1.04 -16.53 -30.35
N TYR A 868 -0.67 -16.10 -29.15
CA TYR A 868 0.61 -15.43 -28.93
C TYR A 868 1.78 -16.36 -29.26
N ALA A 869 1.70 -17.62 -28.83
CA ALA A 869 2.75 -18.60 -29.12
C ALA A 869 2.76 -18.99 -30.59
N ALA A 870 1.60 -19.00 -31.24
CA ALA A 870 1.55 -19.32 -32.67
C ALA A 870 2.16 -18.19 -33.50
N PHE A 871 1.85 -16.94 -33.15
CA PHE A 871 2.48 -15.80 -33.82
C PHE A 871 3.97 -15.72 -33.48
N LEU A 872 4.36 -16.19 -32.30
CA LEU A 872 5.76 -16.33 -31.95
C LEU A 872 6.47 -17.34 -32.85
N ALA A 873 5.83 -18.48 -33.09
CA ALA A 873 6.40 -19.48 -33.98
C ALA A 873 6.42 -18.99 -35.43
N LEU A 874 5.49 -18.09 -35.78
CA LEU A 874 5.53 -17.48 -37.10
C LEU A 874 6.71 -16.51 -37.23
N THR A 875 6.89 -15.61 -36.25
CA THR A 875 7.92 -14.59 -36.38
C THR A 875 9.32 -15.10 -36.09
N ASP A 876 9.45 -16.21 -35.38
CA ASP A 876 10.75 -16.79 -35.04
C ASP A 876 10.54 -18.27 -34.73
N PRO A 877 10.73 -19.16 -35.71
CA PRO A 877 10.39 -20.58 -35.48
C PRO A 877 11.33 -21.27 -34.51
N GLY A 878 12.58 -20.85 -34.43
CA GLY A 878 13.49 -21.41 -33.46
C GLY A 878 13.50 -20.72 -32.12
N GLY A 879 12.62 -19.74 -31.90
CA GLY A 879 12.62 -18.96 -30.69
C GLY A 879 11.51 -19.35 -29.72
N ARG A 880 11.79 -19.17 -28.44
CA ARG A 880 10.84 -19.40 -27.36
C ARG A 880 10.36 -18.10 -26.72
N PHE A 881 11.12 -17.01 -26.83
CA PHE A 881 10.74 -15.69 -26.38
C PHE A 881 10.64 -14.72 -27.56
N LEU A 882 10.14 -13.52 -27.27
CA LEU A 882 9.80 -12.52 -28.28
C LEU A 882 10.80 -11.37 -28.29
N LYS A 883 11.53 -11.24 -29.39
CA LYS A 883 12.59 -10.24 -29.53
C LYS A 883 12.28 -9.33 -30.74
N VAL A 884 11.41 -8.34 -30.54
CA VAL A 884 11.11 -7.37 -31.58
C VAL A 884 11.06 -5.98 -30.96
N SER A 885 11.42 -4.97 -31.76
CA SER A 885 11.27 -3.60 -31.32
C SER A 885 9.78 -3.22 -31.32
N PRO A 886 9.36 -2.34 -30.41
CA PRO A 886 7.95 -1.88 -30.40
C PRO A 886 7.52 -1.17 -31.67
N SER A 887 8.42 -0.43 -32.32
CA SER A 887 8.06 0.40 -33.47
C SER A 887 8.34 -0.27 -34.80
N GLU A 888 9.12 -1.35 -34.83
CA GLU A 888 9.51 -1.95 -36.09
C GLU A 888 8.35 -2.72 -36.72
N ASP A 889 8.40 -2.85 -38.05
CA ASP A 889 7.40 -3.63 -38.76
C ASP A 889 7.83 -5.09 -38.73
N VAL A 890 7.14 -5.89 -37.92
CA VAL A 890 7.55 -7.27 -37.71
C VAL A 890 7.20 -8.12 -38.92
N LEU A 891 5.98 -7.95 -39.45
CA LEU A 891 5.57 -8.81 -40.55
C LEU A 891 4.53 -8.14 -41.43
N PRO A 892 4.61 -8.30 -42.75
CA PRO A 892 3.70 -7.59 -43.65
C PRO A 892 2.36 -8.31 -43.80
N ALA A 893 1.49 -7.72 -44.62
CA ALA A 893 0.17 -8.28 -44.87
C ALA A 893 0.25 -9.55 -45.70
N ASP A 894 -0.49 -10.57 -45.28
CA ASP A 894 -0.47 -11.90 -45.90
C ASP A 894 -1.93 -12.30 -46.04
N GLU A 895 -2.42 -12.39 -47.28
CA GLU A 895 -3.84 -12.59 -47.54
C GLU A 895 -4.32 -14.02 -47.34
N ASN A 896 -3.42 -15.00 -47.25
CA ASN A 896 -3.80 -16.39 -47.01
C ASN A 896 -3.02 -16.97 -45.83
N ARG A 897 -2.97 -16.21 -44.74
CA ARG A 897 -2.31 -16.63 -43.51
C ARG A 897 -3.29 -17.38 -42.61
N HIS A 898 -2.92 -18.59 -42.19
CA HIS A 898 -3.78 -19.42 -41.36
C HIS A 898 -3.02 -19.73 -40.07
N ILE A 899 -3.55 -19.23 -38.95
CA ILE A 899 -2.96 -19.47 -37.63
C ILE A 899 -3.55 -20.77 -37.09
N VAL A 900 -2.72 -21.81 -37.05
CA VAL A 900 -3.19 -23.09 -36.52
C VAL A 900 -3.08 -23.10 -35.00
N LEU A 901 -4.03 -23.77 -34.36
CA LEU A 901 -4.07 -23.86 -32.90
C LEU A 901 -4.25 -25.30 -32.47
N SER A 902 -4.48 -25.52 -31.18
CA SER A 902 -4.77 -26.85 -30.66
C SER A 902 -6.26 -27.18 -30.68
N ASP A 903 -7.12 -26.21 -30.96
CA ASP A 903 -8.56 -26.47 -31.00
C ASP A 903 -9.28 -25.85 -32.19
N ARG A 904 -8.65 -24.98 -32.97
CA ARG A 904 -9.31 -24.32 -34.09
C ARG A 904 -8.23 -23.88 -35.08
N VAL A 905 -8.69 -23.27 -36.17
CA VAL A 905 -7.80 -22.65 -37.16
C VAL A 905 -8.33 -21.25 -37.43
N LEU A 906 -7.49 -20.24 -37.22
CA LEU A 906 -7.85 -18.86 -37.46
C LEU A 906 -7.52 -18.50 -38.91
N GLY A 907 -8.53 -18.03 -39.63
CA GLY A 907 -8.33 -17.57 -40.99
C GLY A 907 -7.71 -16.20 -41.03
N PRO A 908 -7.31 -15.77 -42.24
CA PRO A 908 -6.73 -14.43 -42.38
C PRO A 908 -7.72 -13.30 -42.16
N ARG A 909 -9.01 -13.56 -42.27
CA ARG A 909 -10.05 -12.59 -41.96
C ARG A 909 -10.45 -12.62 -40.49
N ASP A 910 -10.05 -13.65 -39.75
CA ASP A 910 -10.37 -13.75 -38.33
C ASP A 910 -9.61 -12.70 -37.53
N ARG A 911 -10.20 -12.29 -36.41
CA ARG A 911 -9.73 -11.16 -35.64
C ARG A 911 -9.24 -11.62 -34.26
N VAL A 912 -8.02 -11.22 -33.92
CA VAL A 912 -7.34 -11.57 -32.68
C VAL A 912 -7.64 -10.52 -31.62
N LYS A 913 -7.96 -10.98 -30.42
CA LYS A 913 -8.17 -10.11 -29.27
C LYS A 913 -6.83 -9.58 -28.76
N LEU A 914 -6.73 -8.27 -28.62
CA LEU A 914 -5.49 -7.60 -28.25
C LEU A 914 -5.71 -6.72 -27.03
N PHE A 915 -4.66 -6.60 -26.21
CA PHE A 915 -4.69 -5.65 -25.11
C PHE A 915 -4.69 -4.22 -25.65
N PRO A 916 -5.36 -3.29 -24.95
CA PRO A 916 -5.50 -1.93 -25.50
C PRO A 916 -4.21 -1.13 -25.58
N ASP A 917 -3.26 -1.36 -24.68
CA ASP A 917 -2.04 -0.57 -24.64
C ASP A 917 -0.83 -1.49 -24.54
N ASP A 918 0.31 -0.98 -25.00
CA ASP A 918 1.56 -1.75 -25.04
C ASP A 918 2.27 -1.67 -23.69
N ARG A 919 1.61 -2.25 -22.69
CA ARG A 919 2.15 -2.36 -21.34
C ARG A 919 1.62 -3.63 -20.72
N GLY A 920 2.19 -4.01 -19.58
CA GLY A 920 1.82 -5.21 -18.87
C GLY A 920 0.37 -5.25 -18.45
N SER A 921 -0.37 -6.20 -19.02
CA SER A 921 -1.80 -6.31 -18.78
C SER A 921 -2.17 -7.79 -18.73
N ILE A 922 -3.28 -8.07 -18.04
CA ILE A 922 -3.83 -9.42 -17.97
C ILE A 922 -5.32 -9.38 -18.26
N ARG A 923 -5.85 -10.52 -18.66
CA ARG A 923 -7.27 -10.68 -18.94
C ARG A 923 -7.98 -11.12 -17.67
N VAL A 924 -8.90 -10.28 -17.19
CA VAL A 924 -9.67 -10.55 -15.99
C VAL A 924 -11.13 -10.18 -16.23
N ARG A 925 -12.02 -11.14 -15.93
CA ARG A 925 -13.48 -10.98 -15.96
C ARG A 925 -14.00 -10.47 -17.30
N GLY A 926 -13.45 -11.01 -18.39
CA GLY A 926 -13.87 -10.61 -19.71
C GLY A 926 -13.30 -9.30 -20.21
N GLY A 927 -12.39 -8.68 -19.45
CA GLY A 927 -11.81 -7.41 -19.84
C GLY A 927 -10.31 -7.42 -19.60
N ALA A 928 -9.67 -6.31 -19.94
CA ALA A 928 -8.25 -6.13 -19.74
C ALA A 928 -8.01 -5.24 -18.53
N ALA A 929 -7.04 -5.62 -17.70
CA ALA A 929 -6.60 -4.76 -16.62
C ALA A 929 -5.08 -4.68 -16.63
N TYR A 930 -4.56 -3.50 -16.29
CA TYR A 930 -3.11 -3.34 -16.16
C TYR A 930 -2.61 -4.12 -14.96
N ILE A 931 -1.34 -4.51 -15.00
CA ILE A 931 -0.74 -5.13 -13.84
C ILE A 931 -0.54 -4.10 -12.74
N ALA A 932 -0.45 -4.59 -11.51
CA ALA A 932 -0.19 -3.74 -10.36
C ALA A 932 1.31 -3.46 -10.26
N SER A 933 1.75 -2.94 -9.12
CA SER A 933 3.17 -2.74 -8.88
C SER A 933 3.90 -4.08 -8.84
N PHE A 934 5.18 -4.05 -9.21
CA PHE A 934 5.95 -5.27 -9.31
C PHE A 934 6.27 -5.85 -7.93
N HIS A 935 6.10 -7.17 -7.81
CA HIS A 935 6.50 -7.85 -6.58
C HIS A 935 8.02 -7.85 -6.45
N HIS A 936 8.73 -8.19 -7.53
CA HIS A 936 10.19 -8.21 -7.49
C HIS A 936 10.72 -8.02 -8.90
N ALA A 937 12.04 -7.98 -9.01
CA ALA A 937 12.74 -8.05 -10.29
C ALA A 937 13.83 -9.10 -10.18
N ARG A 938 13.85 -10.04 -11.13
CA ARG A 938 14.89 -11.06 -11.15
C ARG A 938 16.08 -10.55 -11.94
N VAL A 939 17.27 -10.74 -11.38
CA VAL A 939 18.49 -10.19 -11.95
C VAL A 939 19.13 -11.25 -12.83
N PHE A 940 19.44 -10.88 -14.08
CA PHE A 940 20.09 -11.77 -15.03
C PHE A 940 21.43 -11.17 -15.41
N ARG A 941 22.42 -12.05 -15.59
CA ARG A 941 23.78 -11.69 -15.93
C ARG A 941 24.27 -12.54 -17.08
N TRP A 942 24.93 -11.90 -18.05
CA TRP A 942 25.50 -12.64 -19.17
C TRP A 942 26.73 -11.92 -19.69
N GLY A 943 27.59 -12.66 -20.38
CA GLY A 943 28.81 -12.10 -20.90
C GLY A 943 30.04 -12.69 -20.25
N SER A 944 31.14 -11.94 -20.35
CA SER A 944 32.41 -12.36 -19.76
C SER A 944 32.44 -12.08 -18.26
N SER A 945 33.45 -12.61 -17.60
CA SER A 945 33.61 -12.38 -16.17
C SER A 945 34.08 -10.96 -15.87
N HIS A 946 34.94 -10.41 -16.72
CA HIS A 946 35.50 -9.09 -16.46
C HIS A 946 34.60 -7.95 -16.93
N SER A 947 33.61 -8.21 -17.76
CA SER A 947 32.67 -7.18 -18.22
C SER A 947 31.34 -7.82 -18.55
N PRO A 948 30.51 -8.08 -17.54
CA PRO A 948 29.20 -8.68 -17.78
C PRO A 948 28.12 -7.63 -18.00
N SER A 949 26.97 -8.10 -18.47
CA SER A 949 25.78 -7.29 -18.71
C SER A 949 24.66 -7.81 -17.82
N PHE A 950 23.82 -6.89 -17.38
CA PHE A 950 22.79 -7.16 -16.40
C PHE A 950 21.44 -6.66 -16.91
N ALA A 951 20.39 -7.36 -16.49
CA ALA A 951 19.04 -6.90 -16.78
C ALA A 951 18.07 -7.42 -15.74
N LEU A 952 16.94 -6.74 -15.62
CA LEU A 952 15.91 -7.08 -14.65
C LEU A 952 14.68 -7.61 -15.37
N LEU A 953 14.15 -8.71 -14.85
CA LEU A 953 12.85 -9.24 -15.27
C LEU A 953 11.87 -8.83 -14.18
N ARG A 954 11.09 -7.79 -14.45
CA ARG A 954 10.17 -7.26 -13.47
C ARG A 954 8.93 -8.15 -13.38
N VAL A 955 8.70 -8.74 -12.21
CA VAL A 955 7.66 -9.72 -11.98
C VAL A 955 6.64 -9.09 -11.03
N SER A 956 5.40 -9.01 -11.48
CA SER A 956 4.28 -8.51 -10.69
C SER A 956 3.48 -9.68 -10.14
N LEU A 957 2.46 -9.35 -9.34
CA LEU A 957 1.57 -10.38 -8.81
C LEU A 957 0.68 -10.98 -9.89
N ALA A 958 0.43 -10.23 -10.97
CA ALA A 958 -0.35 -10.76 -12.08
C ALA A 958 0.40 -11.85 -12.84
N ASP A 959 1.73 -11.74 -12.94
CA ASP A 959 2.53 -12.78 -13.58
C ASP A 959 2.47 -14.08 -12.79
N LEU A 960 2.53 -13.98 -11.46
CA LEU A 960 2.41 -15.16 -10.61
C LEU A 960 0.99 -15.69 -10.60
N ALA A 961 0.00 -14.81 -10.82
CA ALA A 961 -1.38 -15.26 -10.87
C ALA A 961 -1.66 -16.04 -12.15
N VAL A 962 -1.21 -15.52 -13.29
CA VAL A 962 -1.48 -16.19 -14.56
C VAL A 962 -0.56 -17.38 -14.78
N ALA A 963 0.58 -17.43 -14.11
CA ALA A 963 1.46 -18.60 -14.22
C ALA A 963 1.06 -19.72 -13.28
N GLY A 964 0.03 -19.52 -12.45
CA GLY A 964 -0.35 -20.54 -11.50
C GLY A 964 0.60 -20.70 -10.33
N LEU A 965 1.41 -19.68 -10.06
CA LEU A 965 2.42 -19.74 -9.02
C LEU A 965 1.95 -19.17 -7.68
N LEU A 966 0.69 -18.76 -7.59
CA LEU A 966 0.14 -18.25 -6.32
C LEU A 966 -0.53 -19.36 -5.53
N ARG A 967 0.23 -20.43 -5.31
CA ARG A 967 -0.27 -21.61 -4.61
C ARG A 967 0.73 -22.06 -3.56
N ASP A 968 0.50 -23.21 -2.95
CA ASP A 968 1.36 -23.68 -1.88
C ASP A 968 2.62 -24.34 -2.44
N GLY A 969 3.72 -24.17 -1.71
CA GLY A 969 5.00 -24.77 -2.07
C GLY A 969 5.65 -24.24 -3.32
N VAL A 970 5.63 -22.91 -3.51
CA VAL A 970 6.19 -22.28 -4.70
C VAL A 970 7.17 -21.21 -4.25
N ASP A 971 8.41 -21.28 -4.73
CA ASP A 971 9.39 -20.22 -4.55
C ASP A 971 9.18 -19.22 -5.68
N VAL A 972 8.54 -18.09 -5.36
CA VAL A 972 8.09 -17.14 -6.38
C VAL A 972 9.21 -16.32 -6.99
N PHE A 973 10.42 -16.37 -6.43
CA PHE A 973 11.54 -15.63 -6.98
C PHE A 973 12.35 -16.45 -7.98
N THR A 974 12.19 -17.76 -8.01
CA THR A 974 12.98 -18.63 -8.86
C THR A 974 12.15 -19.47 -9.83
N ALA A 975 10.83 -19.51 -9.67
CA ALA A 975 9.99 -20.35 -10.51
C ALA A 975 9.92 -19.80 -11.92
N GLU A 976 9.86 -20.71 -12.90
CA GLU A 976 9.94 -20.34 -14.31
C GLU A 976 8.64 -19.68 -14.75
N LEU A 977 8.77 -18.54 -15.42
CA LEU A 977 7.61 -17.82 -15.94
C LEU A 977 7.43 -18.10 -17.42
N PRO A 978 6.21 -18.38 -17.86
CA PRO A 978 5.97 -18.66 -19.29
C PRO A 978 6.20 -17.42 -20.14
N PRO A 979 6.49 -17.59 -21.44
CA PRO A 979 6.77 -16.43 -22.30
C PRO A 979 5.62 -15.46 -22.47
N TRP A 980 4.38 -15.92 -22.31
CA TRP A 980 3.22 -15.05 -22.52
C TRP A 980 2.89 -14.19 -21.31
N THR A 981 3.63 -14.33 -20.21
CA THR A 981 3.44 -13.47 -19.06
C THR A 981 3.86 -12.04 -19.41
N PRO A 982 3.27 -11.02 -18.76
CA PRO A 982 3.71 -9.63 -19.01
C PRO A 982 5.16 -9.36 -18.62
N ALA A 983 5.76 -10.16 -17.74
CA ALA A 983 7.16 -10.01 -17.38
C ALA A 983 8.06 -10.30 -18.57
N TRP A 984 7.81 -11.42 -19.25
CA TRP A 984 8.65 -11.79 -20.37
C TRP A 984 8.21 -11.11 -21.65
N ARG A 985 6.94 -10.65 -21.71
CA ARG A 985 6.50 -9.83 -22.83
C ARG A 985 7.21 -8.49 -22.84
N TYR A 986 7.34 -7.86 -21.67
CA TYR A 986 7.86 -6.50 -21.61
C TYR A 986 9.24 -6.44 -20.95
N ALA A 987 9.98 -7.54 -21.00
CA ALA A 987 11.40 -7.53 -20.67
C ALA A 987 12.18 -6.83 -21.78
N SER A 988 13.40 -6.41 -21.44
CA SER A 988 14.24 -5.72 -22.39
C SER A 988 14.73 -6.66 -23.48
N ILE A 989 15.03 -6.09 -24.65
CA ILE A 989 15.35 -6.86 -25.84
C ILE A 989 16.68 -7.60 -25.68
N ALA A 990 17.65 -6.94 -25.03
CA ALA A 990 18.93 -7.58 -24.76
C ALA A 990 18.78 -8.76 -23.82
N LEU A 991 17.91 -8.63 -22.81
CA LEU A 991 17.63 -9.74 -21.91
C LEU A 991 16.95 -10.89 -22.63
N VAL A 992 15.99 -10.59 -23.52
CA VAL A 992 15.31 -11.63 -24.30
C VAL A 992 16.30 -12.38 -25.18
N LYS A 993 17.16 -11.64 -25.88
CA LYS A 993 18.10 -12.27 -26.79
C LYS A 993 19.19 -13.05 -26.03
N ALA A 994 19.57 -12.57 -24.84
CA ALA A 994 20.59 -13.27 -24.07
C ALA A 994 20.03 -14.53 -23.39
N VAL A 995 18.76 -14.52 -22.98
CA VAL A 995 18.16 -15.73 -22.46
C VAL A 995 17.94 -16.75 -23.59
N GLU A 996 17.54 -16.27 -24.77
CA GLU A 996 17.38 -17.16 -25.92
C GLU A 996 18.72 -17.73 -26.39
N SER A 997 19.81 -16.99 -26.25
CA SER A 997 21.13 -17.52 -26.58
C SER A 997 21.64 -18.48 -25.51
N GLY A 998 20.99 -18.57 -24.35
CA GLY A 998 21.42 -19.42 -23.26
C GLY A 998 22.49 -18.82 -22.38
N ASP A 999 22.96 -17.60 -22.68
CA ASP A 999 24.04 -16.99 -21.91
C ASP A 999 23.54 -16.44 -20.57
N ALA A 1000 22.32 -15.92 -20.52
CA ALA A 1000 21.83 -15.20 -19.36
C ALA A 1000 21.22 -16.16 -18.34
N LYS A 1001 21.69 -16.07 -17.11
CA LYS A 1001 21.21 -16.88 -16.00
C LYS A 1001 20.78 -15.97 -14.86
N GLN A 1002 19.78 -16.42 -14.10
CA GLN A 1002 19.30 -15.66 -12.95
C GLN A 1002 20.29 -15.80 -11.81
N VAL A 1003 20.81 -14.66 -11.33
CA VAL A 1003 21.80 -14.66 -10.25
C VAL A 1003 21.24 -14.13 -8.94
N GLY A 1004 20.02 -13.60 -8.94
CA GLY A 1004 19.43 -13.10 -7.71
C GLY A 1004 18.11 -12.43 -7.99
N TRP A 1005 17.54 -11.82 -6.95
CA TRP A 1005 16.29 -11.10 -7.07
C TRP A 1005 16.36 -9.85 -6.19
N LEU A 1006 15.59 -8.84 -6.58
CA LEU A 1006 15.51 -7.57 -5.86
C LEU A 1006 14.05 -7.27 -5.58
N VAL A 1007 13.74 -6.97 -4.32
CA VAL A 1007 12.39 -6.52 -3.96
C VAL A 1007 12.47 -5.04 -3.65
N PRO A 1008 11.36 -4.30 -3.71
CA PRO A 1008 11.36 -2.92 -3.20
C PRO A 1008 11.68 -2.88 -1.71
N GLY A 1009 12.75 -2.14 -1.38
CA GLY A 1009 13.26 -2.08 -0.02
C GLY A 1009 14.61 -2.75 0.15
N ASP A 1010 15.13 -3.43 -0.86
CA ASP A 1010 16.49 -3.96 -0.79
C ASP A 1010 17.52 -2.85 -0.77
N GLU A 1011 18.60 -3.09 -0.03
CA GLU A 1011 19.66 -2.13 0.16
C GLU A 1011 20.83 -2.48 -0.75
N LEU A 1012 21.25 -1.51 -1.56
CA LEU A 1012 22.40 -1.64 -2.44
C LEU A 1012 23.55 -0.90 -1.80
N ASP A 1013 24.50 -1.64 -1.24
CA ASP A 1013 25.75 -1.08 -0.75
C ASP A 1013 26.72 -0.99 -1.92
N PHE A 1014 27.12 0.23 -2.28
CA PHE A 1014 28.06 0.42 -3.38
C PHE A 1014 29.51 0.27 -2.94
N GLY A 1015 29.75 0.04 -1.65
CA GLY A 1015 31.10 -0.10 -1.14
C GLY A 1015 31.70 1.23 -0.76
N PRO A 1016 32.99 1.22 -0.39
CA PRO A 1016 33.66 2.50 -0.11
C PRO A 1016 33.92 3.33 -1.35
N GLU A 1017 33.87 2.73 -2.54
CA GLU A 1017 34.04 3.49 -3.79
C GLU A 1017 32.84 4.40 -4.05
N GLY A 1018 31.64 3.97 -3.69
CA GLY A 1018 30.45 4.72 -4.00
C GLY A 1018 30.03 4.53 -5.44
N VAL A 1019 29.28 5.49 -5.95
CA VAL A 1019 28.79 5.47 -7.32
C VAL A 1019 29.83 6.14 -8.22
N THR A 1020 30.35 5.37 -9.19
CA THR A 1020 31.35 5.87 -10.12
C THR A 1020 30.76 6.22 -11.48
N THR A 1021 29.45 6.01 -11.68
CA THR A 1021 28.79 6.30 -12.94
C THR A 1021 27.76 7.43 -12.80
N ALA A 1022 28.04 8.41 -11.95
CA ALA A 1022 27.11 9.50 -11.72
C ALA A 1022 27.10 10.46 -12.91
N ALA A 1023 25.91 10.96 -13.25
CA ALA A 1023 25.76 11.92 -14.32
C ALA A 1023 24.50 12.74 -14.08
N GLY A 1024 24.54 14.00 -14.50
CA GLY A 1024 23.41 14.89 -14.33
C GLY A 1024 23.27 15.44 -12.92
N ASP A 1025 22.03 15.46 -12.40
CA ASP A 1025 21.78 15.95 -11.05
C ASP A 1025 22.31 15.00 -9.99
N LEU A 1026 22.54 13.73 -10.34
CA LEU A 1026 23.07 12.77 -9.38
C LEU A 1026 24.49 13.13 -8.98
N SER A 1027 25.30 13.64 -9.92
CA SER A 1027 26.66 14.08 -9.60
C SER A 1027 26.64 15.23 -8.61
N MET A 1028 25.75 16.21 -8.84
CA MET A 1028 25.65 17.35 -7.94
C MET A 1028 25.06 16.96 -6.60
N PHE A 1029 24.27 15.89 -6.57
CA PHE A 1029 23.82 15.33 -5.30
C PHE A 1029 24.96 14.65 -4.57
N LEU A 1030 25.79 13.90 -5.29
CA LEU A 1030 26.87 13.11 -4.68
C LEU A 1030 28.08 13.94 -4.29
N LYS A 1031 28.18 15.19 -4.76
CA LYS A 1031 29.22 16.08 -4.25
C LYS A 1031 29.04 16.34 -2.74
N TYR A 1032 27.79 16.54 -2.31
CA TYR A 1032 27.51 16.92 -0.93
C TYR A 1032 26.88 15.82 -0.10
N PHE A 1033 26.32 14.78 -0.72
CA PHE A 1033 25.79 13.62 -0.02
C PHE A 1033 26.37 12.37 -0.68
N PRO A 1034 27.62 12.01 -0.36
CA PRO A 1034 28.25 10.83 -1.01
C PRO A 1034 27.74 9.51 -0.46
N GLU A 1035 26.48 9.20 -0.75
CA GLU A 1035 25.83 8.01 -0.22
C GLU A 1035 26.31 6.75 -0.94
N ARG A 1036 26.55 5.70 -0.15
CA ARG A 1036 26.87 4.40 -0.70
C ARG A 1036 25.76 3.38 -0.51
N HIS A 1037 24.77 3.68 0.31
CA HIS A 1037 23.65 2.78 0.60
C HIS A 1037 22.39 3.35 -0.04
N TRP A 1038 21.77 2.57 -0.92
CA TRP A 1038 20.58 3.01 -1.63
C TRP A 1038 19.47 1.99 -1.48
N VAL A 1039 18.22 2.46 -1.44
CA VAL A 1039 17.07 1.58 -1.21
C VAL A 1039 16.25 1.49 -2.49
N VAL A 1040 15.98 0.25 -2.91
CA VAL A 1040 15.13 0.01 -4.07
C VAL A 1040 13.69 0.39 -3.74
N THR A 1041 13.09 1.24 -4.58
CA THR A 1041 11.68 1.57 -4.44
C THR A 1041 10.80 0.99 -5.53
N GLY A 1042 11.33 0.81 -6.74
CA GLY A 1042 10.52 0.30 -7.83
C GLY A 1042 11.36 0.13 -9.07
N PHE A 1043 10.69 -0.29 -10.14
CA PHE A 1043 11.33 -0.56 -11.43
C PHE A 1043 10.46 0.08 -12.51
N GLU A 1044 10.82 1.29 -12.93
CA GLU A 1044 9.91 2.15 -13.69
C GLU A 1044 9.81 1.79 -15.17
N ASP A 1045 10.82 1.14 -15.75
CA ASP A 1045 10.68 0.47 -17.04
C ASP A 1045 11.61 -0.74 -17.07
N ASP A 1046 11.80 -1.30 -18.28
CA ASP A 1046 12.54 -2.55 -18.45
C ASP A 1046 14.04 -2.43 -18.25
N LYS A 1047 14.59 -1.23 -18.17
CA LYS A 1047 16.04 -1.09 -18.03
C LYS A 1047 16.47 -0.30 -16.81
N ARG A 1048 15.55 0.16 -15.98
CA ARG A 1048 15.87 1.12 -14.92
C ARG A 1048 15.28 0.63 -13.60
N ILE A 1049 15.94 1.03 -12.52
CA ILE A 1049 15.56 0.74 -11.14
C ILE A 1049 15.63 2.05 -10.36
N ASN A 1050 14.62 2.31 -9.54
CA ASN A 1050 14.53 3.55 -8.78
C ASN A 1050 15.14 3.36 -7.40
N LEU A 1051 16.15 4.18 -7.08
CA LEU A 1051 16.92 4.07 -5.84
C LEU A 1051 16.89 5.39 -5.11
N LYS A 1052 16.57 5.34 -3.80
CA LYS A 1052 16.61 6.48 -2.90
C LYS A 1052 17.76 6.26 -1.91
N PRO A 1053 18.36 7.33 -1.36
CA PRO A 1053 19.38 7.12 -0.33
C PRO A 1053 18.81 6.53 0.95
N ALA A 1054 19.54 5.54 1.49
CA ALA A 1054 19.06 4.81 2.66
C ALA A 1054 19.08 5.67 3.91
N PHE A 1055 20.11 6.50 4.07
CA PHE A 1055 20.28 7.25 5.31
C PHE A 1055 19.54 8.58 5.32
N LEU A 1056 18.99 9.02 4.20
CA LEU A 1056 18.34 10.32 4.10
C LEU A 1056 16.83 10.16 4.14
N SER A 1057 16.17 10.97 4.95
CA SER A 1057 14.74 10.82 5.17
C SER A 1057 13.94 11.44 4.02
N ALA A 1058 12.63 11.24 4.07
CA ALA A 1058 11.69 11.71 3.05
C ALA A 1058 10.99 13.01 3.45
N GLU A 1059 10.39 13.04 4.64
CA GLU A 1059 9.63 14.21 5.06
C GLU A 1059 10.52 15.42 5.31
N GLN A 1060 11.80 15.19 5.67
CA GLN A 1060 12.73 16.28 5.83
C GLN A 1060 13.03 16.95 4.49
N ALA A 1061 13.24 16.16 3.44
CA ALA A 1061 13.45 16.74 2.12
C ALA A 1061 12.17 17.33 1.56
N GLU A 1062 11.00 16.81 1.97
CA GLU A 1062 9.74 17.40 1.54
C GLU A 1062 9.50 18.76 2.19
N VAL A 1063 9.85 18.92 3.47
CA VAL A 1063 9.70 20.24 4.06
C VAL A 1063 10.83 21.17 3.62
N LEU A 1064 11.97 20.63 3.16
CA LEU A 1064 12.94 21.46 2.45
C LEU A 1064 12.38 21.96 1.14
N ARG A 1065 11.63 21.13 0.42
CA ARG A 1065 10.94 21.58 -0.80
C ARG A 1065 9.92 22.66 -0.48
N THR A 1066 9.20 22.50 0.64
CA THR A 1066 8.24 23.52 1.07
C THR A 1066 8.92 24.84 1.39
N GLU A 1067 10.06 24.79 2.09
CA GLU A 1067 10.80 26.02 2.39
C GLU A 1067 11.45 26.60 1.14
N ARG A 1068 11.76 25.76 0.16
CA ARG A 1068 12.21 26.27 -1.14
C ARG A 1068 11.06 26.97 -1.86
N SER A 1069 9.84 26.49 -1.65
CA SER A 1069 8.67 27.08 -2.30
C SER A 1069 8.36 28.46 -1.72
N ASP A 1070 8.43 28.62 -0.40
CA ASP A 1070 7.92 29.87 0.18
C ASP A 1070 8.95 30.76 0.86
N ARG A 1071 10.17 30.27 1.10
CA ARG A 1071 11.22 31.05 1.77
C ARG A 1071 12.49 31.02 0.93
N PRO A 1072 12.65 31.96 0.00
CA PRO A 1072 13.87 31.97 -0.82
C PRO A 1072 15.09 32.44 -0.03
N ASP A 1073 16.26 32.00 -0.49
CA ASP A 1073 17.60 32.41 -0.06
C ASP A 1073 17.93 32.06 1.38
N THR A 1074 17.08 31.31 2.09
CA THR A 1074 17.42 30.78 3.40
C THR A 1074 17.84 29.33 3.34
N LEU A 1075 18.02 28.79 2.14
CA LEU A 1075 18.42 27.40 1.94
C LEU A 1075 19.82 27.37 1.32
N THR A 1076 20.67 26.49 1.83
CA THR A 1076 22.03 26.39 1.33
C THR A 1076 22.04 25.69 -0.04
N GLU A 1077 23.22 25.65 -0.66
CA GLU A 1077 23.35 25.00 -1.96
C GLU A 1077 23.11 23.49 -1.87
N ALA A 1078 23.63 22.86 -0.81
CA ALA A 1078 23.36 21.45 -0.57
C ALA A 1078 21.89 21.20 -0.26
N GLY A 1079 21.24 22.11 0.47
CA GLY A 1079 19.82 22.00 0.71
C GLY A 1079 18.99 22.15 -0.55
N GLU A 1080 19.41 23.07 -1.43
CA GLU A 1080 18.75 23.26 -2.73
C GLU A 1080 18.86 22.02 -3.58
N ILE A 1081 20.06 21.41 -3.61
CA ILE A 1081 20.28 20.21 -4.43
C ILE A 1081 19.53 19.02 -3.85
N LEU A 1082 19.47 18.92 -2.51
CA LEU A 1082 18.72 17.83 -1.88
C LEU A 1082 17.22 17.98 -2.07
N ALA A 1083 16.73 19.24 -2.10
CA ALA A 1083 15.32 19.49 -2.34
C ALA A 1083 14.95 19.20 -3.79
N GLN A 1084 15.85 19.51 -4.73
CA GLN A 1084 15.57 19.15 -6.12
C GLN A 1084 15.68 17.65 -6.35
N PHE A 1085 16.61 16.98 -5.66
CA PHE A 1085 16.78 15.54 -5.80
C PHE A 1085 15.54 14.79 -5.34
N PHE A 1086 14.97 15.18 -4.13
CA PHE A 1086 13.75 14.45 -3.79
C PHE A 1086 12.51 15.11 -4.42
N PRO A 1087 11.44 14.35 -4.73
CA PRO A 1087 11.04 12.98 -4.34
C PRO A 1087 11.46 11.84 -5.27
N ARG A 1088 11.84 12.07 -6.53
CA ARG A 1088 11.96 10.98 -7.49
C ARG A 1088 13.30 10.27 -7.40
N CYS A 1089 14.24 10.84 -6.63
CA CYS A 1089 15.60 10.36 -6.40
C CYS A 1089 16.30 9.86 -7.66
N TRP A 1090 16.91 8.68 -7.59
CA TRP A 1090 17.80 8.20 -8.65
C TRP A 1090 17.03 7.20 -9.50
N ARG A 1091 16.56 7.65 -10.66
CA ARG A 1091 15.98 6.78 -11.68
C ARG A 1091 17.15 6.24 -12.50
N ALA A 1092 17.60 5.04 -12.16
CA ALA A 1092 18.95 4.59 -12.47
C ALA A 1092 18.94 3.47 -13.49
N THR A 1093 19.76 3.60 -14.53
CA THR A 1093 19.92 2.52 -15.49
C THR A 1093 20.60 1.32 -14.81
N VAL A 1094 20.04 0.12 -15.06
CA VAL A 1094 20.55 -1.11 -14.45
C VAL A 1094 21.97 -1.40 -14.93
N ALA A 1095 22.24 -1.11 -16.21
CA ALA A 1095 23.59 -1.25 -16.74
C ALA A 1095 24.56 -0.26 -16.09
N LYS A 1096 24.06 0.89 -15.65
CA LYS A 1096 24.89 1.86 -14.95
C LYS A 1096 25.00 1.59 -13.45
N VAL A 1097 24.16 0.71 -12.90
CA VAL A 1097 24.19 0.37 -11.48
C VAL A 1097 24.98 -0.89 -11.20
N LEU A 1098 24.66 -1.98 -11.89
CA LEU A 1098 25.26 -3.26 -11.58
C LEU A 1098 26.61 -3.47 -12.24
N CYS A 1099 27.13 -2.46 -12.94
CA CYS A 1099 28.47 -2.50 -13.51
C CYS A 1099 29.55 -2.19 -12.48
N HIS A 1100 29.17 -1.83 -11.25
CA HIS A 1100 30.12 -1.56 -10.18
C HIS A 1100 30.67 -2.86 -9.60
N PRO A 1101 31.98 -3.09 -9.64
CA PRO A 1101 32.54 -4.22 -8.88
C PRO A 1101 32.49 -3.92 -7.40
N GLY A 1102 32.25 -4.95 -6.61
CA GLY A 1102 32.10 -4.76 -5.17
C GLY A 1102 30.77 -4.24 -4.72
N LEU A 1103 29.81 -4.03 -5.62
CA LEU A 1103 28.45 -3.72 -5.21
C LEU A 1103 27.83 -4.96 -4.57
N THR A 1104 27.13 -4.75 -3.47
CA THR A 1104 26.47 -5.84 -2.75
C THR A 1104 25.01 -5.51 -2.54
N VAL A 1105 24.16 -6.53 -2.69
CA VAL A 1105 22.77 -6.44 -2.30
C VAL A 1105 22.72 -6.91 -0.85
N ILE A 1106 22.60 -5.98 0.08
CA ILE A 1106 22.73 -6.28 1.50
C ILE A 1106 21.34 -6.55 2.07
N ARG A 1107 21.19 -7.72 2.68
CA ARG A 1107 19.99 -8.07 3.43
C ARG A 1107 20.39 -8.31 4.87
N ARG A 1108 19.85 -7.49 5.77
CA ARG A 1108 20.30 -7.45 7.15
C ARG A 1108 19.61 -8.51 7.99
N THR A 1109 20.21 -8.82 9.13
CA THR A 1109 19.55 -9.55 10.20
C THR A 1109 18.75 -8.54 11.03
N ALA A 1110 18.16 -9.01 12.13
CA ALA A 1110 17.38 -8.12 12.98
C ALA A 1110 18.24 -7.13 13.73
N LEU A 1111 19.50 -7.47 13.98
CA LEU A 1111 20.43 -6.59 14.67
C LEU A 1111 21.07 -5.56 13.75
N GLY A 1112 20.74 -5.58 12.47
CA GLY A 1112 21.32 -4.65 11.51
C GLY A 1112 22.63 -5.10 10.90
N GLN A 1113 22.96 -6.38 11.01
CA GLN A 1113 24.17 -6.95 10.44
C GLN A 1113 23.86 -7.68 9.15
N PRO A 1114 24.69 -7.54 8.12
CA PRO A 1114 24.38 -8.15 6.82
C PRO A 1114 24.50 -9.66 6.86
N ARG A 1115 23.46 -10.34 6.35
CA ARG A 1115 23.40 -11.79 6.36
C ARG A 1115 24.23 -12.33 5.20
N TRP A 1116 25.41 -12.89 5.52
CA TRP A 1116 26.32 -13.36 4.49
C TRP A 1116 26.41 -14.87 4.38
N ARG A 1117 26.00 -15.61 5.39
CA ARG A 1117 25.96 -17.06 5.31
C ARG A 1117 24.71 -17.51 4.58
N ARG A 1118 24.90 -18.36 3.56
CA ARG A 1118 23.81 -18.86 2.73
C ARG A 1118 22.99 -19.85 3.55
N GLY A 1119 21.83 -19.42 4.03
CA GLY A 1119 20.94 -20.28 4.78
C GLY A 1119 19.54 -20.29 4.18
N HIS A 1120 18.56 -20.42 5.05
CA HIS A 1120 17.15 -20.44 4.66
C HIS A 1120 16.47 -19.10 4.87
N LEU A 1121 17.24 -18.05 5.16
CA LEU A 1121 16.79 -16.68 5.21
C LEU A 1121 17.50 -15.90 4.10
N PRO A 1122 16.92 -14.79 3.62
CA PRO A 1122 17.52 -14.08 2.48
C PRO A 1122 18.88 -13.47 2.85
N TYR A 1123 19.84 -13.67 1.98
CA TYR A 1123 21.25 -13.45 2.25
C TYR A 1123 21.79 -12.32 1.37
N SER A 1124 22.90 -11.75 1.82
CA SER A 1124 23.62 -10.79 0.99
C SER A 1124 24.33 -11.51 -0.15
N TRP A 1125 24.34 -10.87 -1.32
CA TRP A 1125 24.97 -11.46 -2.49
C TRP A 1125 25.57 -10.36 -3.35
N ARG A 1126 26.52 -10.75 -4.20
CA ARG A 1126 27.21 -9.86 -5.11
C ARG A 1126 26.70 -10.10 -6.52
N PRO A 1127 26.17 -9.09 -7.23
CA PRO A 1127 25.76 -9.31 -8.63
C PRO A 1127 26.90 -9.70 -9.57
N TRP A 1128 28.13 -9.34 -9.24
CA TRP A 1128 29.29 -9.68 -10.06
C TRP A 1128 29.78 -11.10 -9.84
N SER A 1129 29.37 -11.75 -8.74
CA SER A 1129 29.94 -13.05 -8.39
C SER A 1129 28.92 -14.08 -7.93
N ALA A 1130 27.62 -13.83 -8.08
CA ALA A 1130 26.61 -14.77 -7.62
C ALA A 1130 26.52 -15.98 -8.53
N ASP A 1131 26.32 -17.15 -7.92
CA ASP A 1131 26.10 -18.36 -8.68
C ASP A 1131 24.72 -18.33 -9.35
N PRO A 1132 24.57 -18.95 -10.51
CA PRO A 1132 23.25 -19.05 -11.13
C PRO A 1132 22.30 -19.93 -10.33
N TRP A 1133 21.01 -19.60 -10.44
CA TRP A 1133 19.98 -20.37 -9.76
C TRP A 1133 19.85 -21.75 -10.39
N SER A 1134 19.70 -22.77 -9.53
CA SER A 1134 19.58 -24.19 -9.89
C SER A 1134 20.75 -24.68 -10.76
#